data_4H2Y
#
_entry.id   4H2Y
#
_cell.length_a   99.863
_cell.length_b   101.587
_cell.length_c   103.424
_cell.angle_alpha   90.000
_cell.angle_beta   90.000
_cell.angle_gamma   90.000
#
_symmetry.space_group_name_H-M   'P 21 21 21'
#
loop_
_entity.id
_entity.type
_entity.pdbx_description
1 polymer 'Amino acid--[acyl-carrier-protein] ligase 1'
2 polymer 'Aminoacyl carrier protein'
3 non-polymer 'ZINC ION'
4 non-polymer "ADENOSINE-5'-TRIPHOSPHATE"
5 non-polymer 'MAGNESIUM ION'
6 non-polymer "4'-PHOSPHOPANTETHEINE"
7 water water
#
loop_
_entity_poly.entity_id
_entity_poly.type
_entity_poly.pdbx_seq_one_letter_code
_entity_poly.pdbx_strand_id
1 'polypeptide(L)'
;MGSSHHHHHHSSGLVPRGSHMNIAVLPNSPDTAPQIADPLDHLADKLFHSMGSDGVYARTALYESIVERLAALITSHREA
GTEALRFPPVMSRAQLEKSGYLKSFPNLLGCVCGLHGTEREINAAVSRFDAGGDWTTSLSPADLVLSPAACYPVYPIAAS
RGPLPKGGLRFDVAADCFRREPSKHLDRLQSFRMREYVCIGTPDDVSDFRERWMVRAQAIARDLGLTFRVDYASDPFFGR
AGKMLANNQRDQQLKFELLIPLRSEEQPTACMSFNYHREHFGTTWGIQDANGEPAHTGCVAFGMDRLAVAMFHTHGTDLS
AWPAKVRDILGLQPHVAAGAHGEGWR
;
A,B
2 'polypeptide(L)'
;MGSSHHHHHHSSGLVPRGSHMNATIREILAKFGQLPTPVDTIADEADLYAAGLSSFASVQLMLGIEEAFDIEFPDNLLNR
KSFASIKAIEDTVKLILDGKEAA
;
C,D
#
loop_
_chem_comp.id
_chem_comp.type
_chem_comp.name
_chem_comp.formula
ATP non-polymer ADENOSINE-5'-TRIPHOSPHATE 'C10 H16 N5 O13 P3'
MG non-polymer 'MAGNESIUM ION' 'Mg 2'
PNS non-polymer 4'-PHOSPHOPANTETHEINE 'C11 H23 N2 O7 P S'
ZN non-polymer 'ZINC ION' 'Zn 2'
#
# COMPACT_ATOMS: atom_id res chain seq x y z
N ASP A 38 -10.73 -20.16 -17.77
CA ASP A 38 -9.67 -19.18 -17.97
C ASP A 38 -8.32 -19.87 -18.11
N PRO A 39 -7.66 -19.67 -19.27
CA PRO A 39 -6.35 -20.24 -19.63
C PRO A 39 -5.24 -19.86 -18.65
N LEU A 40 -5.39 -18.72 -17.99
CA LEU A 40 -4.34 -18.21 -17.11
C LEU A 40 -4.30 -18.95 -15.79
N ASP A 41 -5.45 -19.49 -15.37
CA ASP A 41 -5.61 -20.08 -14.04
C ASP A 41 -4.53 -21.06 -13.64
N HIS A 42 -4.10 -21.87 -14.59
CA HIS A 42 -3.11 -22.90 -14.30
C HIS A 42 -1.74 -22.29 -13.95
N LEU A 43 -1.56 -21.00 -14.23
CA LEU A 43 -0.30 -20.33 -13.88
C LEU A 43 -0.23 -20.01 -12.39
N ALA A 44 -1.39 -19.97 -11.72
CA ALA A 44 -1.44 -19.49 -10.35
C ALA A 44 -0.51 -20.24 -9.43
N ASP A 45 -0.51 -21.56 -9.54
CA ASP A 45 0.22 -22.42 -8.62
C ASP A 45 1.71 -22.05 -8.52
N LYS A 46 2.28 -21.58 -9.61
CA LYS A 46 3.72 -21.30 -9.59
C LYS A 46 4.05 -19.84 -9.35
N LEU A 47 3.05 -18.97 -9.54
CA LEU A 47 3.27 -17.52 -9.50
C LEU A 47 2.76 -16.83 -8.22
N PHE A 48 1.69 -17.36 -7.64
CA PHE A 48 0.91 -16.64 -6.64
C PHE A 48 0.52 -17.53 -5.49
N HIS A 49 0.31 -16.94 -4.31
CA HIS A 49 -0.39 -17.62 -3.22
C HIS A 49 -1.58 -16.76 -2.82
N SER A 50 -2.70 -17.42 -2.50
CA SER A 50 -3.88 -16.72 -2.04
C SER A 50 -3.59 -15.90 -0.78
N MET A 51 -4.24 -14.75 -0.69
CA MET A 51 -4.18 -13.90 0.48
C MET A 51 -5.61 -13.66 0.95
N GLY A 52 -6.52 -14.52 0.51
CA GLY A 52 -7.90 -14.45 0.93
C GLY A 52 -8.69 -13.29 0.35
N SER A 53 -8.29 -12.83 -0.84
CA SER A 53 -9.00 -11.74 -1.50
C SER A 53 -8.74 -11.74 -3.01
N ASP A 54 -9.80 -11.79 -3.79
CA ASP A 54 -9.69 -11.77 -5.25
C ASP A 54 -8.86 -10.58 -5.73
N GLY A 55 -7.86 -10.83 -6.57
CA GLY A 55 -7.03 -9.78 -7.12
C GLY A 55 -5.92 -9.30 -6.22
N VAL A 56 -5.73 -9.95 -5.08
CA VAL A 56 -4.68 -9.58 -4.14
C VAL A 56 -3.90 -10.83 -3.82
N TYR A 57 -2.69 -10.96 -4.36
CA TYR A 57 -1.92 -12.21 -4.20
C TYR A 57 -0.51 -12.00 -3.70
N ALA A 58 0.00 -12.97 -2.95
CA ALA A 58 1.41 -13.04 -2.63
C ALA A 58 2.16 -13.51 -3.88
N ARG A 59 3.30 -12.88 -4.14
CA ARG A 59 4.10 -13.20 -5.32
C ARG A 59 5.28 -14.13 -5.00
N THR A 60 5.42 -15.23 -5.75
CA THR A 60 6.52 -16.17 -5.51
C THR A 60 7.83 -15.58 -6.03
N ALA A 61 8.94 -16.17 -5.62
CA ALA A 61 10.26 -15.73 -6.08
C ALA A 61 10.37 -15.82 -7.60
N LEU A 62 9.83 -16.88 -8.17
CA LEU A 62 9.85 -17.05 -9.63
C LEU A 62 9.18 -15.86 -10.32
N TYR A 63 7.97 -15.55 -9.86
CA TYR A 63 7.20 -14.46 -10.43
C TYR A 63 7.97 -13.12 -10.27
N GLU A 64 8.46 -12.87 -9.07
CA GLU A 64 9.14 -11.60 -8.79
C GLU A 64 10.43 -11.49 -9.58
N SER A 65 11.10 -12.60 -9.83
CA SER A 65 12.33 -12.54 -10.60
C SER A 65 12.08 -12.02 -12.03
N ILE A 66 10.91 -12.33 -12.57
CA ILE A 66 10.58 -11.90 -13.93
C ILE A 66 10.08 -10.46 -13.90
N VAL A 67 9.25 -10.12 -12.91
CA VAL A 67 8.88 -8.70 -12.73
C VAL A 67 10.14 -7.83 -12.68
N GLU A 68 11.13 -8.25 -11.89
CA GLU A 68 12.37 -7.47 -11.78
C GLU A 68 13.17 -7.35 -13.09
N ARG A 69 13.24 -8.42 -13.88
CA ARG A 69 13.94 -8.39 -15.16
CA ARG A 69 13.96 -8.35 -15.14
C ARG A 69 13.22 -7.51 -16.17
N LEU A 70 11.89 -7.57 -16.15
CA LEU A 70 11.10 -6.70 -17.02
C LEU A 70 11.34 -5.23 -16.67
N ALA A 71 11.37 -4.91 -15.37
CA ALA A 71 11.62 -3.53 -14.94
C ALA A 71 13.00 -3.07 -15.39
N ALA A 72 14.00 -3.94 -15.27
CA ALA A 72 15.34 -3.60 -15.73
C ALA A 72 15.37 -3.39 -17.25
N LEU A 73 14.64 -4.20 -18.01
CA LEU A 73 14.56 -4.03 -19.46
C LEU A 73 13.95 -2.67 -19.80
N ILE A 74 12.86 -2.33 -19.14
CA ILE A 74 12.21 -1.04 -19.40
C ILE A 74 13.15 0.14 -19.11
N THR A 75 13.88 0.04 -18.00
CA THR A 75 14.87 1.04 -17.62
C THR A 75 15.95 1.20 -18.68
N SER A 76 16.33 0.09 -19.31
CA SER A 76 17.38 0.13 -20.32
C SER A 76 16.94 0.90 -21.56
N HIS A 77 15.63 1.14 -21.72
CA HIS A 77 15.15 1.94 -22.85
C HIS A 77 14.78 3.38 -22.48
N ARG A 78 15.04 3.77 -21.24
CA ARG A 78 14.73 5.12 -20.78
C ARG A 78 15.41 6.15 -21.68
N GLU A 79 14.71 7.20 -22.06
CA GLU A 79 15.34 8.15 -22.98
C GLU A 79 16.15 9.17 -22.18
N ALA A 80 17.03 9.87 -22.87
CA ALA A 80 17.90 10.88 -22.28
C ALA A 80 17.15 11.96 -21.50
N GLY A 81 17.73 12.40 -20.39
CA GLY A 81 17.22 13.54 -19.66
C GLY A 81 16.02 13.21 -18.78
N THR A 82 15.86 11.95 -18.44
CA THR A 82 14.66 11.52 -17.69
C THR A 82 14.91 11.46 -16.18
N GLU A 83 14.03 12.08 -15.41
CA GLU A 83 14.21 12.09 -13.97
C GLU A 83 13.36 10.99 -13.37
N ALA A 84 13.98 10.12 -12.57
CA ALA A 84 13.30 8.98 -11.99
C ALA A 84 12.78 9.27 -10.59
N LEU A 85 11.50 9.00 -10.38
CA LEU A 85 10.87 9.16 -9.06
C LEU A 85 10.11 7.91 -8.71
N ARG A 86 10.12 7.54 -7.43
CA ARG A 86 9.36 6.37 -6.97
C ARG A 86 8.36 6.78 -5.91
N PHE A 87 7.10 6.44 -6.16
CA PHE A 87 6.01 6.88 -5.30
C PHE A 87 5.56 5.72 -4.42
N PRO A 88 5.10 6.05 -3.22
CA PRO A 88 4.55 5.04 -2.30
C PRO A 88 3.16 4.64 -2.79
N PRO A 89 2.54 3.64 -2.14
CA PRO A 89 1.23 3.22 -2.66
C PRO A 89 0.05 4.11 -2.23
N VAL A 90 0.33 5.22 -1.57
CA VAL A 90 -0.72 6.15 -1.17
C VAL A 90 -0.35 7.53 -1.65
N MET A 91 -1.36 8.38 -1.83
CA MET A 91 -1.12 9.78 -2.18
C MET A 91 -2.16 10.71 -1.55
N SER A 92 -1.93 12.00 -1.70
CA SER A 92 -2.81 13.00 -1.08
C SER A 92 -4.22 12.95 -1.70
N ARG A 93 -5.23 12.80 -0.86
CA ARG A 93 -6.60 12.87 -1.35
C ARG A 93 -6.87 14.22 -2.03
N ALA A 94 -6.32 15.28 -1.46
CA ALA A 94 -6.55 16.62 -2.01
C ALA A 94 -5.96 16.71 -3.41
N GLN A 95 -4.77 16.13 -3.60
CA GLN A 95 -4.17 16.14 -4.94
C GLN A 95 -5.00 15.36 -5.93
N LEU A 96 -5.56 14.24 -5.48
CA LEU A 96 -6.35 13.43 -6.39
C LEU A 96 -7.70 14.07 -6.73
N GLU A 97 -8.30 14.72 -5.74
CA GLU A 97 -9.52 15.48 -5.98
C GLU A 97 -9.24 16.58 -6.98
N LYS A 98 -8.12 17.26 -6.80
CA LYS A 98 -7.79 18.35 -7.70
C LYS A 98 -7.50 17.85 -9.14
N SER A 99 -7.03 16.63 -9.27
CA SER A 99 -6.68 16.10 -10.58
C SER A 99 -7.91 15.75 -11.40
N GLY A 100 -9.08 15.72 -10.77
CA GLY A 100 -10.32 15.42 -11.49
C GLY A 100 -10.71 13.95 -11.48
N TYR A 101 -10.05 13.15 -10.65
CA TYR A 101 -10.31 11.72 -10.64
C TYR A 101 -11.77 11.33 -10.31
N LEU A 102 -12.43 12.12 -9.47
CA LEU A 102 -13.81 11.86 -9.07
C LEU A 102 -14.81 12.11 -10.20
N LYS A 103 -14.43 12.97 -11.15
CA LYS A 103 -15.23 13.18 -12.34
C LYS A 103 -15.12 12.03 -13.34
N SER A 104 -14.10 11.20 -13.21
CA SER A 104 -13.86 10.17 -14.21
C SER A 104 -14.08 8.77 -13.67
N PHE A 105 -13.44 8.43 -12.55
CA PHE A 105 -13.46 7.07 -12.03
C PHE A 105 -13.79 6.92 -10.53
N PRO A 106 -14.84 7.60 -10.04
CA PRO A 106 -15.08 7.59 -8.58
C PRO A 106 -15.26 6.20 -8.02
N ASN A 107 -15.85 5.32 -8.82
CA ASN A 107 -16.13 3.95 -8.41
C ASN A 107 -14.87 3.09 -8.24
N LEU A 108 -13.74 3.54 -8.76
CA LEU A 108 -12.49 2.74 -8.73
C LEU A 108 -11.56 3.08 -7.56
N LEU A 109 -11.81 4.22 -6.93
CA LEU A 109 -10.91 4.77 -5.93
C LEU A 109 -10.92 4.02 -4.60
N GLY A 110 -9.74 3.80 -4.03
CA GLY A 110 -9.62 3.30 -2.68
C GLY A 110 -9.20 4.45 -1.78
N CYS A 111 -9.99 4.75 -0.76
CA CYS A 111 -9.65 5.82 0.19
CA CYS A 111 -9.65 5.80 0.18
C CYS A 111 -9.12 5.23 1.49
N VAL A 112 -8.13 5.88 2.08
CA VAL A 112 -7.64 5.39 3.34
C VAL A 112 -8.52 5.91 4.48
N CYS A 113 -9.04 5.02 5.30
CA CYS A 113 -9.80 5.43 6.48
CA CYS A 113 -9.81 5.42 6.47
C CYS A 113 -9.25 4.78 7.74
N GLY A 114 -9.51 5.42 8.88
CA GLY A 114 -9.02 4.94 10.16
C GLY A 114 -9.93 5.30 11.33
N LEU A 115 -9.58 4.77 12.49
CA LEU A 115 -10.25 5.09 13.74
C LEU A 115 -9.55 6.30 14.34
N HIS A 116 -10.19 7.47 14.27
CA HIS A 116 -9.50 8.72 14.60
C HIS A 116 -9.81 9.27 15.98
N GLY A 117 -10.77 8.67 16.68
CA GLY A 117 -11.28 9.24 17.92
C GLY A 117 -10.34 9.29 19.11
N THR A 118 -10.95 9.35 20.30
CA THR A 118 -10.20 9.28 21.55
C THR A 118 -10.15 7.84 22.02
N GLU A 119 -9.43 7.58 23.11
CA GLU A 119 -9.23 6.20 23.57
C GLU A 119 -10.54 5.45 23.83
N ARG A 120 -11.50 6.13 24.46
CA ARG A 120 -12.80 5.53 24.74
C ARG A 120 -13.58 5.33 23.45
N GLU A 121 -13.52 6.33 22.58
CA GLU A 121 -14.17 6.23 21.27
C GLU A 121 -13.64 5.02 20.53
N ILE A 122 -12.32 4.92 20.43
CA ILE A 122 -11.70 3.79 19.72
C ILE A 122 -12.01 2.46 20.41
N ASN A 123 -11.91 2.44 21.74
CA ASN A 123 -12.25 1.24 22.50
C ASN A 123 -13.70 0.82 22.29
N ALA A 124 -14.58 1.81 22.16
CA ALA A 124 -15.98 1.56 21.84
C ALA A 124 -16.12 0.80 20.53
N ALA A 125 -15.47 1.30 19.48
CA ALA A 125 -15.48 0.63 18.19
C ALA A 125 -14.96 -0.80 18.34
N VAL A 126 -13.79 -0.96 18.92
CA VAL A 126 -13.21 -2.29 19.16
C VAL A 126 -14.15 -3.22 19.94
N SER A 127 -14.72 -2.70 21.03
CA SER A 127 -15.66 -3.47 21.85
C SER A 127 -16.81 -4.02 21.02
N ARG A 128 -17.32 -3.21 20.11
CA ARG A 128 -18.39 -3.65 19.22
C ARG A 128 -17.97 -4.85 18.37
N PHE A 129 -16.69 -4.89 17.97
CA PHE A 129 -16.16 -6.01 17.20
C PHE A 129 -16.11 -7.28 18.05
N ASP A 130 -15.54 -7.15 19.25
CA ASP A 130 -15.54 -8.24 20.22
C ASP A 130 -16.97 -8.70 20.51
N ALA A 131 -17.89 -7.73 20.56
CA ALA A 131 -19.29 -8.03 20.88
C ALA A 131 -20.00 -8.75 19.74
N GLY A 132 -19.44 -8.71 18.55
CA GLY A 132 -20.08 -9.33 17.40
C GLY A 132 -20.78 -8.31 16.51
N GLY A 133 -20.59 -7.04 16.82
CA GLY A 133 -21.14 -5.96 16.01
C GLY A 133 -20.14 -5.49 14.96
N ASP A 134 -20.26 -4.25 14.54
CA ASP A 134 -19.46 -3.71 13.43
C ASP A 134 -18.62 -2.51 13.84
N TRP A 135 -17.32 -2.70 14.00
CA TRP A 135 -16.44 -1.62 14.38
C TRP A 135 -16.24 -0.58 13.27
N THR A 136 -16.44 -1.02 12.02
CA THR A 136 -16.10 -0.18 10.87
C THR A 136 -16.95 1.10 10.75
N THR A 137 -18.05 1.15 11.49
CA THR A 137 -18.93 2.31 11.46
C THR A 137 -18.28 3.53 12.08
N SER A 138 -17.22 3.30 12.86
CA SER A 138 -16.45 4.41 13.42
C SER A 138 -15.30 4.90 12.54
N LEU A 139 -15.18 4.35 11.33
CA LEU A 139 -14.11 4.76 10.42
C LEU A 139 -14.39 6.14 9.90
N SER A 140 -13.35 6.95 9.80
CA SER A 140 -13.48 8.23 9.12
C SER A 140 -12.29 8.42 8.16
N PRO A 141 -12.50 9.19 7.09
CA PRO A 141 -11.45 9.27 6.06
C PRO A 141 -10.21 10.03 6.51
N ALA A 142 -9.05 9.55 6.08
CA ALA A 142 -7.81 10.30 6.20
C ALA A 142 -7.66 11.27 5.03
N ASP A 143 -6.54 11.97 5.04
CA ASP A 143 -6.15 12.82 3.93
C ASP A 143 -5.40 12.03 2.86
N LEU A 144 -5.58 10.71 2.81
CA LEU A 144 -4.83 9.87 1.87
C LEU A 144 -5.74 8.95 1.06
N VAL A 145 -5.35 8.67 -0.19
CA VAL A 145 -5.99 7.61 -0.94
C VAL A 145 -4.92 6.65 -1.45
N LEU A 146 -5.34 5.45 -1.86
CA LEU A 146 -4.44 4.52 -2.54
CA LEU A 146 -4.45 4.52 -2.54
C LEU A 146 -4.30 5.03 -3.97
N SER A 147 -3.06 5.19 -4.41
CA SER A 147 -2.80 5.74 -5.74
C SER A 147 -3.44 4.92 -6.86
N PRO A 148 -4.30 5.54 -7.67
CA PRO A 148 -4.96 4.81 -8.77
C PRO A 148 -4.09 4.68 -10.03
N ALA A 149 -3.04 5.49 -10.13
CA ALA A 149 -2.13 5.45 -11.27
C ALA A 149 -0.86 6.13 -10.84
N ALA A 150 0.25 5.79 -11.48
CA ALA A 150 1.55 6.24 -11.04
C ALA A 150 1.85 7.73 -11.29
N CYS A 151 1.27 8.33 -12.33
CA CYS A 151 1.68 9.68 -12.76
C CYS A 151 1.17 10.84 -11.91
N TYR A 152 0.02 10.66 -11.25
CA TYR A 152 -0.66 11.80 -10.59
C TYR A 152 0.25 12.67 -9.72
N PRO A 153 1.11 12.07 -8.87
CA PRO A 153 1.91 12.95 -8.02
C PRO A 153 2.98 13.73 -8.76
N VAL A 154 3.26 13.36 -10.00
CA VAL A 154 4.36 14.04 -10.69
C VAL A 154 3.98 15.46 -11.14
N TYR A 155 2.69 15.71 -11.41
CA TYR A 155 2.28 17.02 -11.92
C TYR A 155 2.46 18.19 -10.94
N PRO A 156 2.03 18.03 -9.67
CA PRO A 156 2.32 19.16 -8.78
C PRO A 156 3.80 19.30 -8.53
N ILE A 157 4.55 18.21 -8.62
CA ILE A 157 6.01 18.27 -8.46
C ILE A 157 6.65 19.08 -9.60
N ALA A 158 6.19 18.85 -10.82
CA ALA A 158 6.67 19.60 -11.96
C ALA A 158 6.27 21.09 -11.84
N ALA A 159 5.03 21.34 -11.46
CA ALA A 159 4.51 22.71 -11.32
C ALA A 159 5.36 23.53 -10.35
N SER A 160 5.77 22.91 -9.26
CA SER A 160 6.52 23.59 -8.21
C SER A 160 7.86 24.16 -8.65
N ARG A 161 8.31 23.80 -9.85
CA ARG A 161 9.60 24.24 -10.36
C ARG A 161 9.53 25.43 -11.29
N GLY A 162 8.31 25.94 -11.50
CA GLY A 162 8.13 27.07 -12.40
C GLY A 162 7.96 26.65 -13.85
N PRO A 163 8.13 27.61 -14.78
CA PRO A 163 7.99 27.34 -16.22
C PRO A 163 8.89 26.18 -16.68
N LEU A 164 8.43 25.40 -17.64
CA LEU A 164 9.25 24.32 -18.18
C LEU A 164 10.40 24.86 -19.01
N PRO A 165 11.54 24.16 -19.02
CA PRO A 165 12.59 24.57 -19.96
C PRO A 165 12.17 24.16 -21.36
N LYS A 166 12.83 24.74 -22.37
CA LYS A 166 12.62 24.31 -23.76
C LYS A 166 12.90 22.81 -23.88
N GLY A 167 12.00 22.10 -24.56
CA GLY A 167 12.12 20.65 -24.68
C GLY A 167 11.29 19.94 -23.62
N GLY A 168 10.91 20.67 -22.58
CA GLY A 168 10.04 20.13 -21.54
C GLY A 168 10.75 19.25 -20.52
N LEU A 169 9.96 18.53 -19.73
CA LEU A 169 10.51 17.65 -18.71
C LEU A 169 10.08 16.21 -18.99
N ARG A 170 10.90 15.25 -18.58
CA ARG A 170 10.61 13.84 -18.81
C ARG A 170 10.81 13.12 -17.50
N PHE A 171 9.81 12.34 -17.10
CA PHE A 171 9.88 11.62 -15.83
C PHE A 171 9.74 10.12 -16.02
N ASP A 172 10.35 9.38 -15.10
CA ASP A 172 10.24 7.92 -15.01
C ASP A 172 9.62 7.70 -13.64
N VAL A 173 8.37 7.24 -13.59
CA VAL A 173 7.69 7.10 -12.33
C VAL A 173 7.22 5.65 -12.15
N ALA A 174 7.07 5.22 -10.89
CA ALA A 174 6.50 3.92 -10.60
C ALA A 174 5.75 3.96 -9.28
N ALA A 175 4.75 3.11 -9.16
CA ALA A 175 3.99 3.01 -7.94
C ALA A 175 3.20 1.73 -7.94
N ASP A 176 2.96 1.19 -6.74
CA ASP A 176 1.88 0.22 -6.55
C ASP A 176 0.55 0.94 -6.60
N CYS A 177 -0.28 0.53 -7.53
CA CYS A 177 -1.54 1.18 -7.76
C CYS A 177 -2.67 0.30 -7.30
N PHE A 178 -3.83 0.91 -7.07
CA PHE A 178 -5.00 0.22 -6.57
C PHE A 178 -6.24 0.62 -7.34
N ARG A 179 -7.01 -0.38 -7.73
CA ARG A 179 -8.31 -0.14 -8.30
C ARG A 179 -9.26 -1.14 -7.75
N ARG A 180 -10.40 -0.65 -7.31
CA ARG A 180 -11.39 -1.49 -6.65
CA ARG A 180 -11.39 -1.49 -6.65
C ARG A 180 -12.18 -2.23 -7.72
N GLU A 181 -11.62 -3.33 -8.20
CA GLU A 181 -12.26 -4.13 -9.23
C GLU A 181 -11.91 -5.61 -9.00
N PRO A 182 -12.55 -6.22 -7.99
CA PRO A 182 -12.26 -7.61 -7.64
C PRO A 182 -12.56 -8.53 -8.81
N SER A 183 -11.67 -9.49 -9.04
CA SER A 183 -11.84 -10.43 -10.12
C SER A 183 -11.00 -11.64 -9.78
N LYS A 184 -11.34 -12.79 -10.35
CA LYS A 184 -10.52 -13.98 -10.13
C LYS A 184 -9.49 -14.18 -11.25
N HIS A 185 -9.63 -13.40 -12.32
CA HIS A 185 -8.69 -13.49 -13.44
C HIS A 185 -7.32 -12.91 -13.09
N LEU A 186 -6.27 -13.64 -13.44
CA LEU A 186 -4.89 -13.27 -13.11
C LEU A 186 -4.40 -11.95 -13.76
N ASP A 187 -5.03 -11.54 -14.86
CA ASP A 187 -4.68 -10.28 -15.52
C ASP A 187 -5.57 -9.11 -15.05
N ARG A 188 -6.41 -9.37 -14.06
CA ARG A 188 -7.19 -8.26 -13.48
C ARG A 188 -7.07 -8.23 -11.97
N LEU A 189 -6.14 -7.42 -11.47
CA LEU A 189 -5.80 -7.36 -10.06
C LEU A 189 -6.38 -6.10 -9.43
N GLN A 190 -6.46 -6.08 -8.12
CA GLN A 190 -6.87 -4.86 -7.43
C GLN A 190 -5.64 -4.06 -7.04
N SER A 191 -4.54 -4.75 -6.79
CA SER A 191 -3.29 -4.09 -6.44
C SER A 191 -2.25 -4.54 -7.45
N PHE A 192 -1.68 -3.59 -8.18
CA PHE A 192 -0.75 -3.97 -9.25
C PHE A 192 0.29 -2.88 -9.47
N ARG A 193 1.43 -3.27 -10.01
CA ARG A 193 2.53 -2.33 -10.24
C ARG A 193 2.41 -1.64 -11.59
N MET A 194 2.63 -0.33 -11.58
CA MET A 194 2.63 0.44 -12.82
CA MET A 194 2.63 0.47 -12.80
C MET A 194 3.99 1.13 -12.96
N ARG A 195 4.47 1.22 -14.19
CA ARG A 195 5.71 1.92 -14.52
C ARG A 195 5.37 2.85 -15.68
N GLU A 196 5.77 4.11 -15.59
CA GLU A 196 5.41 5.11 -16.61
C GLU A 196 6.55 6.06 -16.95
N TYR A 197 6.66 6.37 -18.24
CA TYR A 197 7.46 7.49 -18.69
C TYR A 197 6.50 8.63 -19.06
N VAL A 198 6.74 9.80 -18.51
CA VAL A 198 5.84 10.92 -18.62
C VAL A 198 6.54 12.07 -19.31
N CYS A 199 5.88 12.70 -20.27
CA CYS A 199 6.44 13.88 -20.93
C CYS A 199 5.55 15.08 -20.67
N ILE A 200 6.15 16.17 -20.22
CA ILE A 200 5.44 17.39 -19.91
C ILE A 200 6.11 18.53 -20.70
N GLY A 201 5.38 19.16 -21.61
CA GLY A 201 5.98 20.17 -22.47
C GLY A 201 5.01 20.78 -23.47
N THR A 202 5.52 21.25 -24.61
CA THR A 202 4.64 21.73 -25.68
C THR A 202 3.88 20.58 -26.33
N PRO A 203 2.82 20.90 -27.11
CA PRO A 203 2.17 19.86 -27.92
C PRO A 203 3.14 19.09 -28.84
N ASP A 204 4.10 19.78 -29.46
CA ASP A 204 5.12 19.12 -30.28
C ASP A 204 6.05 18.23 -29.46
N ASP A 205 6.45 18.69 -28.27
CA ASP A 205 7.26 17.84 -27.38
C ASP A 205 6.53 16.52 -27.14
N VAL A 206 5.27 16.62 -26.74
CA VAL A 206 4.51 15.43 -26.36
C VAL A 206 4.22 14.51 -27.55
N SER A 207 3.86 15.08 -28.69
CA SER A 207 3.59 14.25 -29.86
C SER A 207 4.84 13.54 -30.36
N ASP A 208 6.00 14.21 -30.28
CA ASP A 208 7.28 13.58 -30.62
C ASP A 208 7.57 12.41 -29.65
N PHE A 209 7.31 12.65 -28.36
CA PHE A 209 7.51 11.67 -27.32
C PHE A 209 6.58 10.48 -27.56
N ARG A 210 5.34 10.79 -27.91
CA ARG A 210 4.33 9.78 -28.17
C ARG A 210 4.69 8.89 -29.35
N GLU A 211 5.10 9.49 -30.47
CA GLU A 211 5.49 8.70 -31.63
C GLU A 211 6.65 7.76 -31.28
N ARG A 212 7.60 8.27 -30.51
CA ARG A 212 8.76 7.48 -30.11
C ARG A 212 8.37 6.28 -29.24
N TRP A 213 7.53 6.49 -28.25
CA TRP A 213 7.16 5.42 -27.32
C TRP A 213 6.20 4.39 -27.90
N MET A 214 5.37 4.79 -28.86
CA MET A 214 4.57 3.80 -29.57
C MET A 214 5.49 2.84 -30.31
N VAL A 215 6.56 3.36 -30.88
CA VAL A 215 7.55 2.50 -31.54
C VAL A 215 8.32 1.64 -30.51
N ARG A 216 8.88 2.27 -29.48
CA ARG A 216 9.67 1.53 -28.51
C ARG A 216 8.87 0.49 -27.72
N ALA A 217 7.62 0.81 -27.37
CA ALA A 217 6.79 -0.14 -26.63
C ALA A 217 6.62 -1.42 -27.44
N GLN A 218 6.34 -1.26 -28.73
CA GLN A 218 6.15 -2.39 -29.63
C GLN A 218 7.45 -3.16 -29.82
N ALA A 219 8.58 -2.46 -29.88
CA ALA A 219 9.86 -3.13 -30.04
C ALA A 219 10.19 -3.96 -28.79
N ILE A 220 9.83 -3.44 -27.62
CA ILE A 220 10.02 -4.18 -26.37
C ILE A 220 9.15 -5.44 -26.35
N ALA A 221 7.88 -5.32 -26.68
CA ALA A 221 6.98 -6.49 -26.69
C ALA A 221 7.47 -7.56 -27.65
N ARG A 222 7.97 -7.09 -28.80
CA ARG A 222 8.54 -7.98 -29.82
C ARG A 222 9.80 -8.69 -29.28
N ASP A 223 10.70 -7.93 -28.65
CA ASP A 223 11.92 -8.53 -28.05
C ASP A 223 11.59 -9.55 -26.96
N LEU A 224 10.46 -9.34 -26.28
CA LEU A 224 10.03 -10.27 -25.25
C LEU A 224 9.32 -11.48 -25.85
N GLY A 225 9.20 -11.52 -27.17
CA GLY A 225 8.56 -12.65 -27.83
C GLY A 225 7.06 -12.69 -27.66
N LEU A 226 6.43 -11.53 -27.43
CA LEU A 226 5.01 -11.50 -27.20
C LEU A 226 4.24 -11.22 -28.49
N THR A 227 3.00 -11.71 -28.57
CA THR A 227 2.11 -11.44 -29.68
C THR A 227 1.18 -10.34 -29.24
N PHE A 228 0.98 -9.33 -30.08
CA PHE A 228 0.14 -8.20 -29.71
C PHE A 228 -0.45 -7.51 -30.93
N ARG A 229 -1.42 -6.65 -30.67
CA ARG A 229 -1.76 -5.63 -31.64
C ARG A 229 -1.98 -4.33 -30.89
N VAL A 230 -1.93 -3.23 -31.61
CA VAL A 230 -2.15 -1.94 -31.02
C VAL A 230 -3.47 -1.41 -31.53
N ASP A 231 -4.22 -0.76 -30.65
CA ASP A 231 -5.48 -0.22 -31.06
C ASP A 231 -5.74 1.04 -30.28
N TYR A 232 -6.59 1.91 -30.81
CA TYR A 232 -7.05 3.04 -30.04
C TYR A 232 -8.06 2.50 -29.06
N ALA A 233 -8.12 3.11 -27.89
CA ALA A 233 -9.01 2.61 -26.85
C ALA A 233 -9.46 3.78 -26.01
N SER A 234 -10.10 3.47 -24.89
CA SER A 234 -10.60 4.51 -24.01
C SER A 234 -10.46 4.07 -22.56
N ASP A 235 -10.31 5.03 -21.66
CA ASP A 235 -10.26 4.74 -20.24
C ASP A 235 -11.65 4.32 -19.75
N PRO A 236 -11.71 3.59 -18.62
CA PRO A 236 -13.01 3.14 -18.11
C PRO A 236 -13.75 4.24 -17.35
N PHE A 237 -14.11 5.33 -18.04
CA PHE A 237 -14.86 6.41 -17.43
C PHE A 237 -16.18 5.91 -16.85
N PHE A 238 -16.62 6.57 -15.79
CA PHE A 238 -17.83 6.18 -15.07
C PHE A 238 -19.03 7.02 -15.52
N GLY A 239 -20.20 6.41 -15.55
CA GLY A 239 -21.45 7.14 -15.75
C GLY A 239 -21.83 7.50 -17.18
N ARG A 240 -22.93 8.24 -17.29
CA ARG A 240 -23.43 8.67 -18.59
C ARG A 240 -22.50 9.69 -19.23
N ALA A 241 -21.94 10.58 -18.42
CA ALA A 241 -20.95 11.51 -18.92
C ALA A 241 -19.70 10.74 -19.32
N GLY A 242 -19.50 9.58 -18.68
CA GLY A 242 -18.38 8.72 -18.95
C GLY A 242 -18.46 8.05 -20.32
N LYS A 243 -19.70 7.94 -20.83
CA LYS A 243 -19.91 7.39 -22.16
C LYS A 243 -19.50 8.41 -23.23
N MET A 244 -19.88 9.67 -23.01
CA MET A 244 -19.42 10.74 -23.88
C MET A 244 -17.90 10.86 -23.84
N LEU A 245 -17.35 10.83 -22.63
CA LEU A 245 -15.91 10.99 -22.44
C LEU A 245 -15.12 9.90 -23.16
N ALA A 246 -15.61 8.66 -23.06
CA ALA A 246 -14.94 7.52 -23.69
C ALA A 246 -15.04 7.60 -25.21
N ASN A 247 -16.23 7.96 -25.71
CA ASN A 247 -16.44 8.16 -27.14
C ASN A 247 -15.50 9.22 -27.69
N ASN A 248 -15.50 10.38 -27.03
CA ASN A 248 -14.60 11.47 -27.36
C ASN A 248 -13.14 11.03 -27.37
N GLN A 249 -12.75 10.23 -26.37
CA GLN A 249 -11.36 9.85 -26.22
C GLN A 249 -10.93 8.92 -27.36
N ARG A 250 -11.78 7.94 -27.67
CA ARG A 250 -11.51 7.03 -28.77
C ARG A 250 -11.56 7.73 -30.13
N ASP A 251 -12.58 8.57 -30.35
CA ASP A 251 -12.67 9.33 -31.61
C ASP A 251 -11.45 10.23 -31.83
N GLN A 252 -10.96 10.86 -30.76
CA GLN A 252 -9.77 11.73 -30.87
C GLN A 252 -8.46 10.94 -30.87
N GLN A 253 -8.54 9.63 -30.66
CA GLN A 253 -7.34 8.77 -30.64
C GLN A 253 -6.32 9.26 -29.60
N LEU A 254 -6.79 9.57 -28.40
CA LEU A 254 -5.91 10.05 -27.35
C LEU A 254 -5.25 8.90 -26.58
N LYS A 255 -5.76 7.69 -26.75
CA LYS A 255 -5.26 6.55 -25.99
C LYS A 255 -5.00 5.34 -26.88
N PHE A 256 -3.76 4.88 -26.91
CA PHE A 256 -3.41 3.67 -27.64
C PHE A 256 -3.13 2.57 -26.61
N GLU A 257 -3.45 1.32 -26.96
CA GLU A 257 -3.17 0.17 -26.10
C GLU A 257 -2.47 -0.92 -26.88
N LEU A 258 -1.52 -1.59 -26.24
CA LEU A 258 -0.90 -2.76 -26.80
C LEU A 258 -1.60 -3.94 -26.15
N LEU A 259 -2.28 -4.72 -26.97
CA LEU A 259 -3.18 -5.77 -26.47
C LEU A 259 -2.59 -7.15 -26.74
N ILE A 260 -2.57 -7.97 -25.70
CA ILE A 260 -1.97 -9.30 -25.78
C ILE A 260 -3.06 -10.33 -25.47
N PRO A 261 -3.19 -11.36 -26.33
CA PRO A 261 -4.18 -12.39 -26.02
C PRO A 261 -3.74 -13.21 -24.82
N LEU A 262 -4.44 -13.11 -23.70
CA LEU A 262 -4.16 -13.93 -22.53
C LEU A 262 -5.29 -14.93 -22.31
N ARG A 263 -6.50 -14.40 -22.05
CA ARG A 263 -7.69 -15.23 -21.89
CA ARG A 263 -7.68 -15.24 -21.89
C ARG A 263 -8.16 -15.79 -23.24
N SER A 264 -8.08 -14.96 -24.27
CA SER A 264 -8.53 -15.34 -25.61
C SER A 264 -7.99 -14.34 -26.63
N GLU A 265 -8.16 -14.64 -27.92
CA GLU A 265 -7.72 -13.70 -28.95
C GLU A 265 -8.75 -12.58 -29.15
N GLU A 266 -10.01 -12.86 -28.83
CA GLU A 266 -11.08 -11.91 -29.06
C GLU A 266 -11.19 -10.89 -27.93
N GLN A 267 -10.74 -11.29 -26.75
CA GLN A 267 -10.72 -10.38 -25.61
C GLN A 267 -9.31 -10.23 -25.07
N PRO A 268 -8.42 -9.60 -25.85
CA PRO A 268 -7.02 -9.48 -25.43
C PRO A 268 -6.88 -8.51 -24.22
N THR A 269 -5.71 -8.53 -23.61
CA THR A 269 -5.48 -7.71 -22.42
C THR A 269 -4.50 -6.58 -22.70
N ALA A 270 -4.88 -5.35 -22.34
CA ALA A 270 -3.99 -4.20 -22.51
C ALA A 270 -2.84 -4.27 -21.52
N CYS A 271 -1.62 -4.39 -22.03
CA CYS A 271 -0.45 -4.56 -21.16
C CYS A 271 0.44 -3.33 -21.15
N MET A 272 0.27 -2.48 -22.16
CA MET A 272 0.97 -1.20 -22.25
C MET A 272 -0.03 -0.22 -22.84
N SER A 273 0.10 1.06 -22.49
CA SER A 273 -0.77 2.08 -23.08
C SER A 273 -0.03 3.41 -23.30
N PHE A 274 -0.55 4.23 -24.21
CA PHE A 274 -0.08 5.61 -24.29
C PHE A 274 -1.27 6.52 -24.20
N ASN A 275 -1.19 7.43 -23.25
CA ASN A 275 -2.24 8.42 -23.05
C ASN A 275 -1.74 9.81 -23.40
N TYR A 276 -2.46 10.49 -24.27
CA TYR A 276 -2.21 11.89 -24.52
C TYR A 276 -3.27 12.69 -23.77
N HIS A 277 -2.85 13.49 -22.80
CA HIS A 277 -3.78 14.24 -21.95
C HIS A 277 -4.09 15.64 -22.44
N ARG A 278 -3.52 16.01 -23.59
CA ARG A 278 -3.55 17.40 -24.07
C ARG A 278 -3.18 18.31 -22.92
N GLU A 279 -3.90 19.42 -22.73
CA GLU A 279 -3.47 20.39 -21.72
C GLU A 279 -4.17 20.20 -20.36
N HIS A 280 -4.86 19.08 -20.21
CA HIS A 280 -5.67 18.84 -19.00
C HIS A 280 -4.91 18.97 -17.67
N PHE A 281 -3.79 18.26 -17.52
CA PHE A 281 -3.02 18.40 -16.28
C PHE A 281 -2.20 19.69 -16.26
N GLY A 282 -1.81 20.18 -17.43
CA GLY A 282 -1.06 21.42 -17.48
C GLY A 282 -1.91 22.56 -16.93
N THR A 283 -3.18 22.54 -17.29
CA THR A 283 -4.12 23.56 -16.84
C THR A 283 -4.43 23.37 -15.36
N THR A 284 -4.72 22.14 -14.97
CA THR A 284 -5.11 21.84 -13.62
C THR A 284 -4.05 22.30 -12.64
N TRP A 285 -2.80 22.09 -12.99
CA TRP A 285 -1.72 22.36 -12.05
C TRP A 285 -0.96 23.63 -12.36
N GLY A 286 -1.40 24.37 -13.37
CA GLY A 286 -0.74 25.63 -13.71
C GLY A 286 0.68 25.43 -14.22
N ILE A 287 0.88 24.37 -15.00
CA ILE A 287 2.20 24.14 -15.58
C ILE A 287 2.26 24.91 -16.88
N GLN A 288 3.27 25.75 -17.01
CA GLN A 288 3.46 26.52 -18.23
C GLN A 288 4.67 26.01 -19.00
N ASP A 289 4.49 25.82 -20.30
CA ASP A 289 5.61 25.47 -21.17
C ASP A 289 6.52 26.68 -21.39
N ALA A 290 7.59 26.50 -22.16
CA ALA A 290 8.57 27.55 -22.37
C ALA A 290 8.04 28.75 -23.19
N ASN A 291 6.90 28.58 -23.85
CA ASN A 291 6.24 29.69 -24.55
C ASN A 291 5.15 30.37 -23.71
N GLY A 292 5.08 30.03 -22.43
CA GLY A 292 4.11 30.65 -21.54
C GLY A 292 2.72 30.05 -21.63
N GLU A 293 2.56 29.01 -22.44
CA GLU A 293 1.27 28.33 -22.62
C GLU A 293 1.10 27.15 -21.66
N PRO A 294 -0.16 26.82 -21.33
CA PRO A 294 -0.42 25.66 -20.46
C PRO A 294 0.16 24.39 -21.08
N ALA A 295 1.00 23.69 -20.32
CA ALA A 295 1.71 22.53 -20.84
C ALA A 295 0.78 21.39 -21.25
N HIS A 296 1.19 20.68 -22.28
CA HIS A 296 0.57 19.39 -22.60
C HIS A 296 1.35 18.29 -21.88
N THR A 297 0.68 17.17 -21.65
CA THR A 297 1.33 16.02 -21.04
C THR A 297 0.91 14.75 -21.74
N GLY A 298 1.78 13.75 -21.68
CA GLY A 298 1.48 12.43 -22.22
C GLY A 298 2.29 11.39 -21.45
N CYS A 299 1.83 10.14 -21.47
CA CYS A 299 2.58 9.11 -20.80
C CYS A 299 2.47 7.75 -21.50
N VAL A 300 3.54 6.97 -21.42
CA VAL A 300 3.47 5.57 -21.79
C VAL A 300 3.47 4.76 -20.48
N ALA A 301 2.52 3.85 -20.34
CA ALA A 301 2.35 3.07 -19.13
C ALA A 301 2.62 1.59 -19.39
N PHE A 302 3.39 0.97 -18.50
CA PHE A 302 3.62 -0.46 -18.55
C PHE A 302 2.98 -1.13 -17.34
N GLY A 303 2.05 -2.05 -17.58
CA GLY A 303 1.44 -2.80 -16.51
C GLY A 303 2.38 -3.95 -16.17
N MET A 304 3.16 -3.78 -15.11
CA MET A 304 4.22 -4.74 -14.78
C MET A 304 3.70 -6.14 -14.47
N ASP A 305 2.60 -6.21 -13.74
CA ASP A 305 2.01 -7.52 -13.43
C ASP A 305 1.33 -8.16 -14.64
N ARG A 306 0.72 -7.35 -15.50
CA ARG A 306 0.16 -7.89 -16.73
C ARG A 306 1.25 -8.40 -17.69
N LEU A 307 2.33 -7.64 -17.81
CA LEU A 307 3.45 -8.08 -18.64
C LEU A 307 4.10 -9.36 -18.11
N ALA A 308 4.22 -9.46 -16.78
CA ALA A 308 4.80 -10.68 -16.19
C ALA A 308 3.90 -11.89 -16.46
N VAL A 309 2.61 -11.74 -16.16
CA VAL A 309 1.63 -12.78 -16.48
C VAL A 309 1.65 -13.17 -17.97
N ALA A 310 1.75 -12.18 -18.86
CA ALA A 310 1.86 -12.46 -20.31
C ALA A 310 3.10 -13.27 -20.66
N MET A 311 4.24 -12.94 -20.05
CA MET A 311 5.46 -13.69 -20.28
C MET A 311 5.29 -15.17 -19.87
N PHE A 312 4.75 -15.41 -18.68
CA PHE A 312 4.57 -16.79 -18.23
C PHE A 312 3.53 -17.54 -19.06
N HIS A 313 2.45 -16.86 -19.43
CA HIS A 313 1.43 -17.46 -20.29
C HIS A 313 2.04 -17.82 -21.65
N THR A 314 2.90 -16.95 -22.17
CA THR A 314 3.49 -17.17 -23.48
C THR A 314 4.57 -18.21 -23.47
N HIS A 315 5.43 -18.10 -22.47
CA HIS A 315 6.68 -18.85 -22.46
C HIS A 315 6.74 -19.99 -21.45
N GLY A 316 5.75 -20.07 -20.57
CA GLY A 316 5.72 -21.11 -19.56
C GLY A 316 6.47 -20.76 -18.27
N THR A 317 6.30 -21.60 -17.26
CA THR A 317 6.90 -21.33 -15.95
C THR A 317 8.26 -21.99 -15.77
N ASP A 318 8.86 -22.46 -16.85
CA ASP A 318 10.18 -23.08 -16.78
C ASP A 318 11.14 -22.21 -17.56
N LEU A 319 11.87 -21.36 -16.84
CA LEU A 319 12.72 -20.34 -17.46
C LEU A 319 13.81 -20.91 -18.36
N SER A 320 14.35 -22.08 -18.01
CA SER A 320 15.43 -22.68 -18.82
C SER A 320 14.97 -22.99 -20.24
N ALA A 321 13.66 -23.18 -20.42
CA ALA A 321 13.11 -23.47 -21.73
C ALA A 321 12.68 -22.22 -22.51
N TRP A 322 12.76 -21.03 -21.91
CA TRP A 322 12.38 -19.81 -22.62
C TRP A 322 13.29 -19.62 -23.85
N PRO A 323 12.78 -18.97 -24.91
CA PRO A 323 13.56 -18.83 -26.14
C PRO A 323 14.86 -18.12 -25.86
N ALA A 324 15.92 -18.55 -26.53
CA ALA A 324 17.26 -18.04 -26.25
C ALA A 324 17.36 -16.51 -26.40
N LYS A 325 16.65 -15.96 -27.37
CA LYS A 325 16.71 -14.53 -27.64
C LYS A 325 16.03 -13.75 -26.52
N VAL A 326 14.98 -14.32 -25.97
CA VAL A 326 14.24 -13.70 -24.87
C VAL A 326 15.06 -13.74 -23.58
N ARG A 327 15.65 -14.90 -23.29
CA ARG A 327 16.52 -15.03 -22.13
C ARG A 327 17.67 -14.03 -22.19
N ASP A 328 18.21 -13.80 -23.38
CA ASP A 328 19.32 -12.88 -23.56
C ASP A 328 18.89 -11.43 -23.38
N ILE A 329 17.77 -11.06 -24.00
CA ILE A 329 17.12 -9.77 -23.80
C ILE A 329 16.92 -9.49 -22.30
N LEU A 330 16.51 -10.50 -21.52
CA LEU A 330 16.25 -10.29 -20.09
C LEU A 330 17.48 -10.46 -19.22
N GLY A 331 18.62 -10.77 -19.82
CA GLY A 331 19.82 -11.04 -19.05
C GLY A 331 19.74 -12.30 -18.19
N LEU A 332 19.06 -13.32 -18.66
CA LEU A 332 18.94 -14.57 -17.91
C LEU A 332 20.18 -15.45 -18.08
N ALA B 37 16.38 22.17 15.77
CA ALA B 37 16.09 21.65 14.44
C ALA B 37 16.51 20.19 14.29
N ASP B 38 15.63 19.38 13.69
CA ASP B 38 15.93 17.97 13.43
C ASP B 38 17.16 17.88 12.54
N PRO B 39 18.18 17.13 12.97
CA PRO B 39 19.41 16.94 12.19
C PRO B 39 19.13 16.30 10.84
N LEU B 40 17.98 15.65 10.71
CA LEU B 40 17.64 14.93 9.48
C LEU B 40 17.03 15.84 8.42
N ASP B 41 16.33 16.88 8.85
CA ASP B 41 15.53 17.73 7.96
C ASP B 41 16.23 18.10 6.65
N HIS B 42 17.52 18.40 6.74
CA HIS B 42 18.25 18.88 5.56
C HIS B 42 18.56 17.77 4.59
N LEU B 43 18.29 16.52 4.97
CA LEU B 43 18.49 15.40 4.06
C LEU B 43 17.45 15.45 2.95
N ALA B 44 16.30 16.04 3.27
CA ALA B 44 15.14 15.97 2.40
C ALA B 44 15.42 16.43 0.98
N ASP B 45 16.22 17.47 0.84
CA ASP B 45 16.52 18.08 -0.46
C ASP B 45 17.01 17.06 -1.49
N LYS B 46 17.88 16.15 -1.06
CA LYS B 46 18.49 15.18 -1.95
C LYS B 46 17.71 13.87 -2.05
N LEU B 47 16.89 13.57 -1.05
CA LEU B 47 16.29 12.24 -0.94
C LEU B 47 14.81 12.18 -1.33
N PHE B 48 14.08 13.27 -1.08
CA PHE B 48 12.63 13.23 -1.13
C PHE B 48 12.03 14.41 -1.89
N HIS B 49 10.82 14.24 -2.41
CA HIS B 49 10.02 15.38 -2.84
C HIS B 49 8.70 15.27 -2.12
N SER B 50 8.12 16.42 -1.78
CA SER B 50 6.85 16.46 -1.08
C SER B 50 5.73 15.90 -1.95
N MET B 51 4.82 15.18 -1.30
CA MET B 51 3.60 14.72 -1.94
C MET B 51 2.37 15.31 -1.28
N GLY B 52 2.57 16.39 -0.53
CA GLY B 52 1.47 17.14 0.05
C GLY B 52 0.91 16.46 1.29
N SER B 53 1.74 15.67 1.97
CA SER B 53 1.27 14.92 3.13
C SER B 53 2.43 14.44 4.02
N ASP B 54 2.37 14.78 5.31
CA ASP B 54 3.44 14.44 6.23
C ASP B 54 3.68 12.92 6.28
N GLY B 55 4.92 12.50 6.12
CA GLY B 55 5.22 11.07 6.18
C GLY B 55 4.96 10.28 4.90
N VAL B 56 4.61 10.98 3.82
CA VAL B 56 4.43 10.35 2.53
C VAL B 56 5.22 11.19 1.52
N TYR B 57 6.30 10.63 0.99
CA TYR B 57 7.21 11.35 0.11
C TYR B 57 7.52 10.59 -1.16
N ALA B 58 7.77 11.33 -2.23
CA ALA B 58 8.33 10.77 -3.45
C ALA B 58 9.82 10.52 -3.19
N ARG B 59 10.37 9.46 -3.77
CA ARG B 59 11.76 9.08 -3.52
C ARG B 59 12.61 9.38 -4.75
N THR B 60 13.75 10.04 -4.54
CA THR B 60 14.65 10.38 -5.64
C THR B 60 15.46 9.15 -6.02
N ALA B 61 16.11 9.23 -7.18
CA ALA B 61 16.93 8.15 -7.69
C ALA B 61 18.08 7.85 -6.72
N LEU B 62 18.62 8.90 -6.12
CA LEU B 62 19.72 8.73 -5.17
C LEU B 62 19.27 7.88 -4.00
N TYR B 63 18.15 8.28 -3.37
CA TYR B 63 17.59 7.54 -2.25
C TYR B 63 17.29 6.09 -2.60
N GLU B 64 16.60 5.87 -3.71
CA GLU B 64 16.17 4.53 -4.12
CA GLU B 64 16.18 4.52 -4.05
C GLU B 64 17.36 3.61 -4.40
N SER B 65 18.44 4.19 -4.91
CA SER B 65 19.61 3.39 -5.24
C SER B 65 20.15 2.76 -3.97
N ILE B 66 20.08 3.50 -2.87
CA ILE B 66 20.57 3.04 -1.58
C ILE B 66 19.61 2.05 -0.91
N VAL B 67 18.31 2.29 -1.03
CA VAL B 67 17.33 1.30 -0.56
C VAL B 67 17.54 -0.03 -1.27
N GLU B 68 17.81 0.02 -2.58
CA GLU B 68 18.02 -1.18 -3.38
CA GLU B 68 18.03 -1.19 -3.38
C GLU B 68 19.30 -1.93 -2.98
N ARG B 69 20.38 -1.19 -2.71
CA ARG B 69 21.63 -1.84 -2.31
CA ARG B 69 21.64 -1.80 -2.29
C ARG B 69 21.49 -2.45 -0.92
N LEU B 70 20.76 -1.79 -0.02
CA LEU B 70 20.50 -2.34 1.30
C LEU B 70 19.68 -3.62 1.20
N ALA B 71 18.69 -3.62 0.31
CA ALA B 71 17.86 -4.80 0.12
C ALA B 71 18.71 -5.96 -0.41
N ALA B 72 19.61 -5.67 -1.35
CA ALA B 72 20.47 -6.74 -1.90
C ALA B 72 21.44 -7.26 -0.83
N LEU B 73 21.92 -6.37 0.04
CA LEU B 73 22.82 -6.79 1.12
C LEU B 73 22.08 -7.74 2.07
N ILE B 74 20.85 -7.40 2.41
CA ILE B 74 20.05 -8.26 3.28
C ILE B 74 19.78 -9.63 2.65
N THR B 75 19.51 -9.61 1.34
CA THR B 75 19.28 -10.83 0.56
C THR B 75 20.52 -11.74 0.57
N SER B 76 21.70 -11.14 0.39
CA SER B 76 22.95 -11.89 0.43
C SER B 76 23.16 -12.62 1.77
N HIS B 77 22.52 -12.15 2.84
CA HIS B 77 22.65 -12.83 4.14
C HIS B 77 21.54 -13.84 4.45
N ARG B 78 20.65 -14.08 3.49
CA ARG B 78 19.55 -15.02 3.66
C ARG B 78 20.02 -16.44 3.95
N GLU B 79 19.42 -17.10 4.94
CA GLU B 79 19.78 -18.48 5.23
C GLU B 79 19.25 -19.46 4.18
N ALA B 80 20.00 -20.53 3.95
CA ALA B 80 19.55 -21.60 3.06
C ALA B 80 18.17 -22.09 3.48
N GLY B 81 17.35 -22.51 2.52
CA GLY B 81 16.05 -23.08 2.84
C GLY B 81 14.98 -22.07 3.26
N THR B 82 15.15 -20.82 2.84
CA THR B 82 14.18 -19.76 3.18
C THR B 82 13.34 -19.41 1.96
N GLU B 83 12.02 -19.42 2.12
CA GLU B 83 11.11 -19.15 1.01
C GLU B 83 10.75 -17.65 0.91
N ALA B 84 11.07 -17.06 -0.23
CA ALA B 84 10.83 -15.64 -0.45
C ALA B 84 9.42 -15.34 -1.02
N LEU B 85 8.68 -14.50 -0.34
CA LEU B 85 7.36 -14.06 -0.82
C LEU B 85 7.33 -12.56 -0.82
N ARG B 86 6.63 -11.98 -1.79
CA ARG B 86 6.45 -10.52 -1.80
C ARG B 86 4.96 -10.20 -1.75
N PHE B 87 4.59 -9.31 -0.83
CA PHE B 87 3.19 -9.00 -0.59
C PHE B 87 2.90 -7.60 -1.13
N PRO B 88 1.68 -7.38 -1.60
CA PRO B 88 1.23 -6.05 -2.05
C PRO B 88 0.95 -5.16 -0.82
N PRO B 89 0.65 -3.88 -1.05
CA PRO B 89 0.44 -2.98 0.11
C PRO B 89 -0.88 -3.15 0.85
N VAL B 90 -1.72 -4.08 0.40
CA VAL B 90 -2.99 -4.31 1.05
C VAL B 90 -3.10 -5.79 1.38
N MET B 91 -3.93 -6.13 2.36
CA MET B 91 -4.15 -7.52 2.75
C MET B 91 -5.60 -7.64 3.22
N SER B 92 -6.06 -8.87 3.40
CA SER B 92 -7.42 -9.13 3.84
C SER B 92 -7.71 -8.54 5.23
N ARG B 93 -8.81 -7.79 5.32
CA ARG B 93 -9.21 -7.22 6.61
C ARG B 93 -9.63 -8.33 7.59
N ALA B 94 -10.33 -9.33 7.09
CA ALA B 94 -10.68 -10.50 7.91
C ALA B 94 -9.43 -11.16 8.51
N GLN B 95 -8.38 -11.32 7.72
CA GLN B 95 -7.14 -11.94 8.23
C GLN B 95 -6.51 -11.07 9.31
N LEU B 96 -6.50 -9.77 9.08
CA LEU B 96 -5.92 -8.87 10.07
C LEU B 96 -6.74 -8.81 11.37
N GLU B 97 -8.06 -8.86 11.25
CA GLU B 97 -8.95 -8.90 12.41
C GLU B 97 -8.67 -10.15 13.23
N LYS B 98 -8.56 -11.28 12.53
CA LYS B 98 -8.25 -12.57 13.15
C LYS B 98 -6.89 -12.57 13.84
N SER B 99 -5.93 -11.87 13.25
CA SER B 99 -4.57 -11.79 13.78
C SER B 99 -4.52 -11.02 15.09
N GLY B 100 -5.59 -10.31 15.41
CA GLY B 100 -5.73 -9.63 16.68
C GLY B 100 -5.24 -8.19 16.66
N TYR B 101 -5.05 -7.66 15.46
CA TYR B 101 -4.47 -6.33 15.32
C TYR B 101 -5.33 -5.22 15.92
N LEU B 102 -6.65 -5.38 15.85
CA LEU B 102 -7.60 -4.41 16.41
C LEU B 102 -7.49 -4.25 17.92
N LYS B 103 -7.37 -5.36 18.62
CA LYS B 103 -7.21 -5.28 20.07
C LYS B 103 -5.93 -4.54 20.43
N SER B 104 -4.93 -4.61 19.56
CA SER B 104 -3.60 -4.10 19.92
C SER B 104 -3.22 -2.73 19.37
N PHE B 105 -3.50 -2.50 18.08
CA PHE B 105 -3.13 -1.22 17.48
C PHE B 105 -4.25 -0.59 16.64
N PRO B 106 -5.46 -0.50 17.20
CA PRO B 106 -6.59 -0.04 16.37
C PRO B 106 -6.39 1.37 15.83
N ASN B 107 -5.62 2.17 16.56
CA ASN B 107 -5.33 3.53 16.17
C ASN B 107 -4.36 3.68 14.99
N LEU B 108 -3.65 2.62 14.64
CA LEU B 108 -2.61 2.72 13.61
C LEU B 108 -3.10 2.21 12.26
N LEU B 109 -4.21 1.49 12.27
CA LEU B 109 -4.69 0.76 11.11
C LEU B 109 -5.26 1.67 10.03
N GLY B 110 -4.86 1.42 8.79
CA GLY B 110 -5.47 2.08 7.64
C GLY B 110 -6.39 1.08 6.95
N CYS B 111 -7.67 1.42 6.81
CA CYS B 111 -8.61 0.55 6.13
CA CYS B 111 -8.60 0.54 6.11
C CYS B 111 -8.89 1.09 4.73
N VAL B 112 -9.22 0.19 3.81
CA VAL B 112 -9.59 0.65 2.48
C VAL B 112 -11.10 0.85 2.42
N CYS B 113 -11.53 2.04 2.01
CA CYS B 113 -12.94 2.30 1.75
CA CYS B 113 -12.95 2.28 1.75
C CYS B 113 -13.14 2.80 0.34
N GLY B 114 -14.36 2.66 -0.18
CA GLY B 114 -14.66 3.11 -1.52
C GLY B 114 -16.12 3.49 -1.66
N LEU B 115 -16.47 4.02 -2.83
CA LEU B 115 -17.84 4.36 -3.14
C LEU B 115 -18.51 3.13 -3.73
N HIS B 116 -19.30 2.44 -2.92
CA HIS B 116 -19.85 1.14 -3.30
C HIS B 116 -21.32 1.20 -3.71
N GLY B 117 -21.90 2.40 -3.74
CA GLY B 117 -23.33 2.54 -4.00
C GLY B 117 -23.73 2.50 -5.47
N THR B 118 -24.97 2.90 -5.76
CA THR B 118 -25.46 2.96 -7.13
C THR B 118 -24.86 4.14 -7.88
N GLU B 119 -25.10 4.18 -9.20
CA GLU B 119 -24.57 5.26 -10.02
C GLU B 119 -25.13 6.62 -9.60
N ARG B 120 -26.41 6.63 -9.23
CA ARG B 120 -27.02 7.89 -8.78
C ARG B 120 -26.41 8.39 -7.46
N GLU B 121 -26.21 7.46 -6.54
CA GLU B 121 -25.59 7.76 -5.26
C GLU B 121 -24.17 8.31 -5.43
N ILE B 122 -23.38 7.64 -6.25
CA ILE B 122 -22.00 8.04 -6.49
C ILE B 122 -21.96 9.41 -7.14
N ASN B 123 -22.80 9.61 -8.15
CA ASN B 123 -22.90 10.91 -8.80
C ASN B 123 -23.30 12.03 -7.81
N ALA B 124 -24.21 11.72 -6.90
CA ALA B 124 -24.61 12.71 -5.92
C ALA B 124 -23.46 13.10 -4.99
N ALA B 125 -22.67 12.11 -4.57
CA ALA B 125 -21.53 12.36 -3.69
C ALA B 125 -20.55 13.29 -4.38
N VAL B 126 -20.31 13.04 -5.66
CA VAL B 126 -19.42 13.88 -6.44
C VAL B 126 -20.01 15.29 -6.61
N SER B 127 -21.31 15.35 -6.88
CA SER B 127 -21.99 16.65 -6.92
C SER B 127 -21.90 17.42 -5.58
N ARG B 128 -21.92 16.73 -4.44
CA ARG B 128 -21.79 17.45 -3.15
C ARG B 128 -20.40 18.06 -3.03
N PHE B 129 -19.41 17.32 -3.53
CA PHE B 129 -18.03 17.82 -3.57
C PHE B 129 -17.92 19.10 -4.39
N ASP B 130 -18.56 19.12 -5.55
CA ASP B 130 -18.59 20.28 -6.42
C ASP B 130 -19.26 21.47 -5.74
N ALA B 131 -20.18 21.17 -4.82
CA ALA B 131 -20.96 22.23 -4.19
C ALA B 131 -20.43 22.56 -2.81
N GLY B 132 -19.17 22.21 -2.56
CA GLY B 132 -18.51 22.59 -1.33
C GLY B 132 -18.71 21.65 -0.14
N GLY B 133 -19.33 20.51 -0.40
CA GLY B 133 -19.59 19.54 0.67
C GLY B 133 -18.55 18.44 0.70
N ASP B 134 -18.87 17.34 1.40
CA ASP B 134 -17.95 16.23 1.60
C ASP B 134 -18.46 14.99 0.85
N TRP B 135 -17.73 14.54 -0.18
CA TRP B 135 -18.15 13.33 -0.91
C TRP B 135 -17.91 12.05 -0.10
N THR B 136 -17.01 12.10 0.87
CA THR B 136 -16.58 10.89 1.59
C THR B 136 -17.64 10.29 2.51
N THR B 137 -18.74 11.01 2.72
CA THR B 137 -19.85 10.46 3.50
C THR B 137 -20.50 9.31 2.76
N SER B 138 -20.23 9.18 1.46
CA SER B 138 -20.73 8.02 0.73
C SER B 138 -19.81 6.79 0.75
N LEU B 139 -18.70 6.87 1.47
CA LEU B 139 -17.74 5.74 1.54
C LEU B 139 -18.22 4.62 2.44
N SER B 140 -17.89 3.39 2.05
CA SER B 140 -18.10 2.21 2.90
C SER B 140 -16.86 1.29 2.84
N PRO B 141 -16.64 0.51 3.91
CA PRO B 141 -15.43 -0.33 4.05
C PRO B 141 -15.38 -1.37 2.99
N ALA B 142 -14.19 -1.62 2.47
CA ALA B 142 -13.96 -2.76 1.60
C ALA B 142 -13.49 -3.89 2.51
N ASP B 143 -13.11 -5.02 1.90
CA ASP B 143 -12.62 -6.18 2.64
C ASP B 143 -11.10 -6.17 2.74
N LEU B 144 -10.50 -5.00 2.56
CA LEU B 144 -9.05 -4.84 2.56
C LEU B 144 -8.60 -3.79 3.53
N VAL B 145 -7.41 -4.00 4.09
CA VAL B 145 -6.74 -2.93 4.83
C VAL B 145 -5.34 -2.73 4.22
N LEU B 146 -4.72 -1.59 4.51
CA LEU B 146 -3.30 -1.43 4.20
C LEU B 146 -2.49 -2.25 5.21
N SER B 147 -1.50 -2.96 4.71
CA SER B 147 -0.73 -3.86 5.58
C SER B 147 0.08 -3.09 6.60
N PRO B 148 -0.11 -3.39 7.90
CA PRO B 148 0.62 -2.68 8.96
C PRO B 148 2.03 -3.25 9.19
N ALA B 149 2.25 -4.49 8.77
CA ALA B 149 3.55 -5.13 8.92
C ALA B 149 3.65 -6.25 7.90
N ALA B 150 4.85 -6.55 7.46
CA ALA B 150 5.04 -7.49 6.34
C ALA B 150 4.69 -8.95 6.65
N CYS B 151 4.80 -9.37 7.90
CA CYS B 151 4.70 -10.80 8.16
C CYS B 151 3.26 -11.33 8.25
N TYR B 152 2.30 -10.48 8.54
CA TYR B 152 0.92 -10.96 8.78
C TYR B 152 0.36 -11.96 7.76
N PRO B 153 0.55 -11.69 6.45
CA PRO B 153 -0.07 -12.63 5.51
C PRO B 153 0.60 -13.99 5.45
N VAL B 154 1.79 -14.11 6.04
CA VAL B 154 2.52 -15.37 5.91
C VAL B 154 1.92 -16.51 6.76
N TYR B 155 1.32 -16.17 7.89
CA TYR B 155 0.80 -17.18 8.83
C TYR B 155 -0.31 -18.06 8.28
N PRO B 156 -1.35 -17.46 7.67
CA PRO B 156 -2.36 -18.31 7.01
C PRO B 156 -1.74 -19.14 5.90
N ILE B 157 -0.73 -18.61 5.23
CA ILE B 157 -0.16 -19.34 4.10
C ILE B 157 0.57 -20.57 4.60
N ALA B 158 1.33 -20.38 5.68
CA ALA B 158 2.07 -21.48 6.28
C ALA B 158 1.07 -22.48 6.83
N ALA B 159 0.04 -21.99 7.51
CA ALA B 159 -0.99 -22.85 8.09
C ALA B 159 -1.64 -23.78 7.05
N SER B 160 -1.76 -23.31 5.82
CA SER B 160 -2.45 -24.06 4.78
C SER B 160 -1.68 -25.27 4.27
N ARG B 161 -0.42 -25.43 4.68
CA ARG B 161 0.39 -26.54 4.19
C ARG B 161 0.38 -27.76 5.11
N GLY B 162 -0.31 -27.66 6.25
CA GLY B 162 -0.36 -28.75 7.19
C GLY B 162 0.72 -28.62 8.24
N PRO B 163 1.07 -29.72 8.90
CA PRO B 163 2.04 -29.68 10.00
C PRO B 163 3.42 -29.27 9.50
N LEU B 164 4.15 -28.52 10.32
CA LEU B 164 5.48 -28.07 9.94
C LEU B 164 6.43 -29.24 9.87
N PRO B 165 7.43 -29.19 8.99
CA PRO B 165 8.46 -30.23 9.02
C PRO B 165 9.36 -29.99 10.21
N LYS B 166 10.23 -30.96 10.49
CA LYS B 166 11.19 -30.82 11.57
C LYS B 166 12.14 -29.69 11.23
N GLY B 167 12.37 -28.78 12.16
CA GLY B 167 13.18 -27.61 11.88
C GLY B 167 12.32 -26.40 11.54
N GLY B 168 11.05 -26.63 11.26
CA GLY B 168 10.11 -25.57 10.99
C GLY B 168 10.30 -24.94 9.61
N LEU B 169 9.68 -23.80 9.40
CA LEU B 169 9.72 -23.11 8.11
C LEU B 169 10.32 -21.71 8.28
N ARG B 170 11.00 -21.25 7.24
CA ARG B 170 11.54 -19.91 7.21
C ARG B 170 11.12 -19.18 5.96
N PHE B 171 10.72 -17.92 6.12
CA PHE B 171 10.25 -17.10 5.01
C PHE B 171 11.01 -15.80 4.99
N ASP B 172 11.17 -15.28 3.78
CA ASP B 172 11.73 -13.98 3.52
C ASP B 172 10.56 -13.19 2.93
N VAL B 173 10.08 -12.18 3.66
CA VAL B 173 8.91 -11.43 3.21
C VAL B 173 9.19 -9.94 3.13
N ALA B 174 8.42 -9.24 2.30
CA ALA B 174 8.53 -7.78 2.18
C ALA B 174 7.20 -7.21 1.73
N ALA B 175 6.96 -5.97 2.14
CA ALA B 175 5.76 -5.25 1.72
C ALA B 175 5.95 -3.77 1.98
N ASP B 176 5.23 -2.92 1.25
CA ASP B 176 5.04 -1.54 1.65
C ASP B 176 3.97 -1.53 2.75
N CYS B 177 4.34 -1.01 3.91
CA CYS B 177 3.45 -1.02 5.07
C CYS B 177 2.92 0.36 5.37
N PHE B 178 1.83 0.40 6.13
CA PHE B 178 1.20 1.65 6.48
C PHE B 178 0.86 1.66 7.96
N ARG B 179 1.13 2.78 8.61
CA ARG B 179 0.70 3.04 9.96
C ARG B 179 0.28 4.49 10.03
N ARG B 180 -0.90 4.71 10.59
CA ARG B 180 -1.46 6.04 10.67
CA ARG B 180 -1.45 6.06 10.66
C ARG B 180 -0.75 6.85 11.76
N GLU B 181 0.47 7.31 11.47
CA GLU B 181 1.30 8.08 12.41
C GLU B 181 1.94 9.29 11.74
N PRO B 182 1.15 10.32 11.40
CA PRO B 182 1.67 11.48 10.66
C PRO B 182 2.75 12.23 11.44
N SER B 183 3.83 12.58 10.75
CA SER B 183 4.95 13.26 11.41
C SER B 183 5.75 13.95 10.35
N LYS B 184 6.47 15.00 10.72
CA LYS B 184 7.37 15.66 9.78
C LYS B 184 8.78 15.12 9.83
N HIS B 185 9.07 14.27 10.81
CA HIS B 185 10.41 13.69 10.93
C HIS B 185 10.63 12.61 9.88
N LEU B 186 11.77 12.68 9.20
CA LEU B 186 12.09 11.74 8.12
C LEU B 186 12.25 10.28 8.59
N ASP B 187 12.43 10.06 9.89
CA ASP B 187 12.50 8.69 10.39
C ASP B 187 11.14 8.18 10.86
N ARG B 188 10.08 8.96 10.65
CA ARG B 188 8.75 8.49 11.01
C ARG B 188 7.75 8.73 9.90
N LEU B 189 7.53 7.68 9.11
CA LEU B 189 6.76 7.78 7.88
C LEU B 189 5.42 7.13 8.10
N GLN B 190 4.47 7.43 7.23
CA GLN B 190 3.19 6.74 7.26
C GLN B 190 3.21 5.54 6.30
N SER B 191 3.95 5.68 5.21
CA SER B 191 4.08 4.58 4.23
C SER B 191 5.56 4.24 4.17
N PHE B 192 5.91 2.99 4.45
CA PHE B 192 7.33 2.65 4.53
C PHE B 192 7.55 1.16 4.16
N ARG B 193 8.75 0.84 3.74
CA ARG B 193 9.07 -0.50 3.29
C ARG B 193 9.61 -1.32 4.46
N MET B 194 9.10 -2.54 4.59
CA MET B 194 9.55 -3.50 5.59
CA MET B 194 9.60 -3.46 5.59
C MET B 194 10.04 -4.76 4.90
N ARG B 195 11.17 -5.29 5.35
CA ARG B 195 11.70 -6.57 4.90
C ARG B 195 11.81 -7.40 6.15
N GLU B 196 11.34 -8.64 6.13
CA GLU B 196 11.41 -9.48 7.31
C GLU B 196 11.84 -10.91 7.00
N TYR B 197 12.57 -11.52 7.93
CA TYR B 197 12.76 -12.98 7.93
C TYR B 197 11.92 -13.54 9.04
N VAL B 198 11.14 -14.58 8.75
CA VAL B 198 10.16 -15.10 9.68
C VAL B 198 10.44 -16.57 9.93
N CYS B 199 10.38 -16.99 11.19
CA CYS B 199 10.58 -18.40 11.52
C CYS B 199 9.31 -18.95 12.17
N ILE B 200 8.88 -20.12 11.74
CA ILE B 200 7.71 -20.77 12.31
C ILE B 200 8.16 -22.19 12.65
N GLY B 201 8.06 -22.57 13.93
CA GLY B 201 8.48 -23.88 14.38
C GLY B 201 8.34 -24.10 15.89
N THR B 202 9.15 -25.01 16.44
CA THR B 202 9.20 -25.21 17.90
C THR B 202 9.76 -23.97 18.60
N PRO B 203 9.56 -23.86 19.93
CA PRO B 203 10.21 -22.76 20.65
C PRO B 203 11.72 -22.73 20.43
N ASP B 204 12.36 -23.89 20.34
CA ASP B 204 13.80 -23.91 20.14
C ASP B 204 14.22 -23.45 18.74
N ASP B 205 13.53 -23.92 17.70
CA ASP B 205 13.75 -23.41 16.33
C ASP B 205 13.76 -21.89 16.31
N VAL B 206 12.74 -21.31 16.92
CA VAL B 206 12.49 -19.88 16.83
C VAL B 206 13.48 -19.08 17.67
N SER B 207 13.74 -19.51 18.90
CA SER B 207 14.71 -18.77 19.72
C SER B 207 16.13 -18.84 19.16
N ASP B 208 16.55 -19.99 18.64
CA ASP B 208 17.86 -20.00 17.97
C ASP B 208 17.90 -19.10 16.73
N PHE B 209 16.84 -19.14 15.92
CA PHE B 209 16.68 -18.25 14.76
C PHE B 209 16.89 -16.79 15.19
N ARG B 210 16.18 -16.37 16.23
CA ARG B 210 16.29 -14.99 16.64
C ARG B 210 17.70 -14.64 17.14
N GLU B 211 18.34 -15.56 17.86
CA GLU B 211 19.72 -15.34 18.30
CA GLU B 211 19.73 -15.38 18.30
C GLU B 211 20.69 -15.25 17.12
N ARG B 212 20.53 -16.14 16.13
CA ARG B 212 21.37 -16.08 14.93
C ARG B 212 21.24 -14.71 14.28
N TRP B 213 20.01 -14.25 14.12
CA TRP B 213 19.76 -12.96 13.46
C TRP B 213 20.18 -11.75 14.28
N MET B 214 20.07 -11.83 15.60
CA MET B 214 20.52 -10.70 16.41
C MET B 214 22.01 -10.44 16.25
N VAL B 215 22.80 -11.50 16.15
CA VAL B 215 24.23 -11.34 15.95
C VAL B 215 24.53 -10.90 14.51
N ARG B 216 23.87 -11.55 13.56
CA ARG B 216 24.12 -11.30 12.15
C ARG B 216 23.77 -9.86 11.78
N ALA B 217 22.65 -9.38 12.31
CA ALA B 217 22.19 -8.02 12.02
C ALA B 217 23.12 -6.96 12.60
N GLN B 218 23.66 -7.20 13.79
CA GLN B 218 24.61 -6.25 14.36
C GLN B 218 25.87 -6.23 13.52
N ALA B 219 26.30 -7.41 13.05
CA ALA B 219 27.49 -7.45 12.19
C ALA B 219 27.26 -6.64 10.91
N ILE B 220 26.06 -6.74 10.35
CA ILE B 220 25.73 -5.98 9.15
C ILE B 220 25.76 -4.48 9.43
N ALA B 221 25.11 -4.06 10.52
CA ALA B 221 25.13 -2.66 10.92
C ALA B 221 26.56 -2.12 11.08
N ARG B 222 27.45 -2.91 11.68
CA ARG B 222 28.86 -2.52 11.80
CA ARG B 222 28.85 -2.50 11.80
C ARG B 222 29.55 -2.40 10.43
N ASP B 223 29.28 -3.35 9.54
CA ASP B 223 29.83 -3.29 8.17
C ASP B 223 29.37 -2.04 7.45
N LEU B 224 28.17 -1.56 7.80
CA LEU B 224 27.61 -0.38 7.18
C LEU B 224 28.10 0.90 7.86
N GLY B 225 28.96 0.74 8.86
CA GLY B 225 29.52 1.88 9.56
C GLY B 225 28.50 2.61 10.40
N LEU B 226 27.48 1.90 10.87
CA LEU B 226 26.43 2.53 11.65
C LEU B 226 26.72 2.46 13.15
N THR B 227 26.31 3.49 13.89
CA THR B 227 26.44 3.51 15.33
C THR B 227 25.12 3.08 15.90
N PHE B 228 25.15 2.14 16.84
CA PHE B 228 23.90 1.64 17.39
C PHE B 228 24.06 1.03 18.75
N ARG B 229 22.94 0.81 19.41
CA ARG B 229 22.90 -0.13 20.50
C ARG B 229 21.67 -1.03 20.34
N VAL B 230 21.73 -2.20 20.93
CA VAL B 230 20.60 -3.11 20.95
C VAL B 230 19.99 -3.15 22.35
N ASP B 231 18.69 -2.92 22.45
CA ASP B 231 18.02 -2.92 23.74
C ASP B 231 16.68 -3.64 23.65
N TYR B 232 16.12 -4.04 24.79
CA TYR B 232 14.77 -4.60 24.87
C TYR B 232 13.81 -3.46 24.60
N ALA B 233 12.62 -3.80 24.15
CA ALA B 233 11.63 -2.79 23.82
C ALA B 233 10.24 -3.42 23.78
N SER B 234 9.25 -2.62 23.42
CA SER B 234 7.88 -3.11 23.36
C SER B 234 7.15 -2.46 22.19
N ASP B 235 6.17 -3.16 21.64
CA ASP B 235 5.33 -2.59 20.58
C ASP B 235 4.45 -1.48 21.15
N PRO B 236 3.99 -0.54 20.31
CA PRO B 236 3.17 0.58 20.79
C PRO B 236 1.72 0.20 21.02
N PHE B 237 1.48 -0.80 21.85
CA PHE B 237 0.12 -1.23 22.19
C PHE B 237 -0.75 -0.05 22.61
N PHE B 238 -2.04 -0.14 22.35
CA PHE B 238 -2.93 1.00 22.53
C PHE B 238 -3.70 0.96 23.86
N GLY B 239 -3.82 2.12 24.52
CA GLY B 239 -4.70 2.26 25.68
C GLY B 239 -4.21 1.64 26.98
N ARG B 240 -5.09 1.58 27.99
CA ARG B 240 -4.75 1.02 29.29
C ARG B 240 -4.34 -0.46 29.19
N ALA B 241 -5.15 -1.23 28.45
CA ALA B 241 -4.87 -2.62 28.16
C ALA B 241 -3.46 -2.79 27.60
N GLY B 242 -3.03 -1.81 26.81
CA GLY B 242 -1.76 -1.88 26.12
C GLY B 242 -0.54 -1.68 27.01
N LYS B 243 -0.71 -0.88 28.05
CA LYS B 243 0.38 -0.63 29.00
C LYS B 243 0.80 -1.92 29.69
N MET B 244 -0.16 -2.80 29.95
CA MET B 244 0.14 -4.10 30.54
C MET B 244 0.84 -5.01 29.55
N LEU B 245 0.32 -5.06 28.31
CA LEU B 245 0.94 -5.85 27.26
C LEU B 245 2.38 -5.41 26.99
N ALA B 246 2.59 -4.09 26.95
CA ALA B 246 3.93 -3.54 26.76
C ALA B 246 4.84 -3.92 27.92
N ASN B 247 4.32 -3.83 29.15
CA ASN B 247 5.10 -4.20 30.34
C ASN B 247 5.54 -5.65 30.31
N ASN B 248 4.60 -6.56 30.05
CA ASN B 248 4.93 -7.96 29.93
C ASN B 248 5.92 -8.26 28.81
N GLN B 249 5.76 -7.58 27.68
CA GLN B 249 6.60 -7.85 26.50
C GLN B 249 8.04 -7.48 26.80
N ARG B 250 8.21 -6.32 27.43
CA ARG B 250 9.52 -5.84 27.80
C ARG B 250 10.12 -6.74 28.87
N ASP B 251 9.30 -7.13 29.83
CA ASP B 251 9.74 -8.01 30.92
C ASP B 251 10.15 -9.39 30.44
N GLN B 252 9.41 -9.95 29.48
CA GLN B 252 9.74 -11.26 28.95
C GLN B 252 10.75 -11.20 27.80
N GLN B 253 11.24 -9.99 27.52
CA GLN B 253 12.24 -9.78 26.45
C GLN B 253 11.83 -10.39 25.12
N LEU B 254 10.59 -10.16 24.73
CA LEU B 254 10.06 -10.71 23.49
C LEU B 254 10.45 -9.86 22.28
N LYS B 255 11.05 -8.69 22.52
CA LYS B 255 11.37 -7.77 21.45
C LYS B 255 12.65 -7.01 21.71
N PHE B 256 13.64 -7.22 20.85
CA PHE B 256 14.83 -6.36 20.83
C PHE B 256 14.77 -5.40 19.66
N GLU B 257 15.41 -4.25 19.80
CA GLU B 257 15.54 -3.30 18.70
C GLU B 257 16.99 -2.87 18.55
N LEU B 258 17.44 -2.69 17.32
CA LEU B 258 18.74 -2.10 17.08
C LEU B 258 18.47 -0.60 16.88
N LEU B 259 19.04 0.22 17.74
CA LEU B 259 18.69 1.64 17.81
C LEU B 259 19.84 2.52 17.34
N ILE B 260 19.54 3.42 16.42
CA ILE B 260 20.55 4.28 15.82
C ILE B 260 20.21 5.73 16.14
N PRO B 261 21.20 6.49 16.63
CA PRO B 261 20.97 7.93 16.85
C PRO B 261 20.77 8.65 15.54
N LEU B 262 19.57 9.19 15.32
CA LEU B 262 19.31 9.96 14.12
C LEU B 262 18.93 11.39 14.49
N ARG B 263 17.88 11.54 15.28
CA ARG B 263 17.47 12.86 15.77
C ARG B 263 18.31 13.29 16.98
N SER B 264 18.76 12.32 17.76
CA SER B 264 19.65 12.57 18.89
C SER B 264 20.18 11.24 19.40
N GLU B 265 21.19 11.28 20.26
CA GLU B 265 21.70 10.06 20.88
C GLU B 265 20.83 9.63 22.07
N GLU B 266 19.95 10.51 22.52
CA GLU B 266 19.09 10.25 23.68
C GLU B 266 17.78 9.59 23.30
N GLN B 267 17.25 9.96 22.13
CA GLN B 267 16.08 9.28 21.57
C GLN B 267 16.46 8.65 20.21
N PRO B 268 17.20 7.54 20.24
CA PRO B 268 17.64 6.92 18.99
C PRO B 268 16.47 6.24 18.27
N THR B 269 16.65 5.91 16.99
CA THR B 269 15.57 5.32 16.19
C THR B 269 15.75 3.81 16.00
N ALA B 270 14.68 3.06 16.25
CA ALA B 270 14.65 1.61 15.99
C ALA B 270 14.66 1.30 14.49
N CYS B 271 15.75 0.71 14.00
CA CYS B 271 15.88 0.48 12.57
C CYS B 271 15.75 -0.99 12.22
N MET B 272 15.94 -1.85 13.23
CA MET B 272 15.66 -3.28 13.10
C MET B 272 14.99 -3.75 14.38
N SER B 273 14.15 -4.77 14.27
CA SER B 273 13.56 -5.36 15.45
C SER B 273 13.66 -6.88 15.40
N PHE B 274 13.68 -7.49 16.58
CA PHE B 274 13.85 -8.93 16.70
C PHE B 274 12.78 -9.41 17.65
N ASN B 275 11.78 -10.08 17.08
CA ASN B 275 10.51 -10.30 17.74
C ASN B 275 10.24 -11.77 17.99
N TYR B 276 9.78 -12.09 19.19
CA TYR B 276 9.38 -13.43 19.54
C TYR B 276 7.91 -13.39 19.94
N HIS B 277 7.07 -14.15 19.25
CA HIS B 277 5.62 -14.08 19.49
C HIS B 277 5.09 -15.24 20.33
N ARG B 278 5.98 -16.09 20.83
CA ARG B 278 5.57 -17.34 21.47
C ARG B 278 4.64 -18.06 20.53
N GLU B 279 3.52 -18.54 21.06
CA GLU B 279 2.62 -19.37 20.27
C GLU B 279 1.39 -18.57 19.84
N HIS B 280 1.46 -17.26 19.96
CA HIS B 280 0.32 -16.40 19.65
C HIS B 280 -0.23 -16.59 18.24
N PHE B 281 0.62 -16.54 17.22
CA PHE B 281 0.13 -16.71 15.85
C PHE B 281 -0.06 -18.16 15.50
N GLY B 282 0.75 -19.04 16.10
CA GLY B 282 0.60 -20.47 15.85
C GLY B 282 -0.76 -20.94 16.35
N THR B 283 -1.19 -20.39 17.48
CA THR B 283 -2.49 -20.71 18.03
C THR B 283 -3.60 -20.12 17.18
N THR B 284 -3.49 -18.82 16.90
CA THR B 284 -4.46 -18.10 16.07
C THR B 284 -4.75 -18.81 14.75
N TRP B 285 -3.71 -19.27 14.08
CA TRP B 285 -3.87 -19.88 12.76
C TRP B 285 -3.88 -21.40 12.76
N GLY B 286 -3.80 -22.02 13.93
CA GLY B 286 -3.79 -23.47 14.00
C GLY B 286 -2.59 -24.10 13.31
N ILE B 287 -1.42 -23.50 13.49
CA ILE B 287 -0.20 -24.10 12.94
C ILE B 287 0.38 -25.09 13.95
N GLN B 288 0.68 -26.30 13.49
CA GLN B 288 1.24 -27.34 14.36
C GLN B 288 2.70 -27.62 14.00
N ASP B 289 3.57 -27.67 15.01
CA ASP B 289 4.96 -28.00 14.76
C ASP B 289 5.08 -29.51 14.54
N ALA B 290 6.29 -30.00 14.29
CA ALA B 290 6.50 -31.41 14.00
C ALA B 290 6.18 -32.36 15.18
N ASN B 291 6.06 -31.79 16.38
CA ASN B 291 5.67 -32.58 17.56
C ASN B 291 4.17 -32.44 17.88
N GLY B 292 3.41 -31.85 16.96
CA GLY B 292 1.99 -31.69 17.17
C GLY B 292 1.56 -30.67 18.22
N GLU B 293 2.45 -29.77 18.59
CA GLU B 293 2.10 -28.69 19.50
CA GLU B 293 2.12 -28.68 19.50
C GLU B 293 1.92 -27.38 18.71
N PRO B 294 1.13 -26.44 19.25
CA PRO B 294 0.97 -25.18 18.53
C PRO B 294 2.31 -24.49 18.32
N ALA B 295 2.59 -24.11 17.08
CA ALA B 295 3.90 -23.61 16.69
C ALA B 295 4.19 -22.26 17.29
N HIS B 296 5.47 -22.01 17.52
CA HIS B 296 5.89 -20.69 17.90
C HIS B 296 6.33 -19.94 16.63
N THR B 297 6.40 -18.61 16.71
CA THR B 297 6.86 -17.83 15.58
C THR B 297 7.70 -16.67 16.07
N GLY B 298 8.60 -16.21 15.22
CA GLY B 298 9.32 -14.97 15.47
C GLY B 298 9.80 -14.37 14.17
N CYS B 299 10.26 -13.12 14.22
CA CYS B 299 10.70 -12.46 13.01
C CYS B 299 11.78 -11.43 13.30
N VAL B 300 12.63 -11.22 12.29
CA VAL B 300 13.57 -10.13 12.30
C VAL B 300 13.14 -9.14 11.23
N ALA B 301 12.97 -7.88 11.62
CA ALA B 301 12.40 -6.89 10.73
C ALA B 301 13.40 -5.80 10.43
N PHE B 302 13.56 -5.46 9.15
CA PHE B 302 14.46 -4.37 8.75
C PHE B 302 13.60 -3.22 8.24
N GLY B 303 13.69 -2.05 8.85
CA GLY B 303 13.00 -0.87 8.34
C GLY B 303 13.80 -0.28 7.20
N MET B 304 13.43 -0.58 5.95
CA MET B 304 14.27 -0.21 4.80
C MET B 304 14.44 1.30 4.66
N ASP B 305 13.37 2.05 4.94
CA ASP B 305 13.44 3.50 4.86
C ASP B 305 14.24 4.11 6.01
N ARG B 306 14.10 3.55 7.20
CA ARG B 306 14.89 4.03 8.34
C ARG B 306 16.36 3.71 8.15
N LEU B 307 16.66 2.52 7.64
CA LEU B 307 18.04 2.16 7.39
C LEU B 307 18.66 3.06 6.34
N ALA B 308 17.90 3.39 5.30
CA ALA B 308 18.42 4.24 4.24
C ALA B 308 18.73 5.65 4.76
N VAL B 309 17.75 6.24 5.44
CA VAL B 309 17.92 7.54 6.11
C VAL B 309 19.12 7.54 7.06
N ALA B 310 19.28 6.43 7.79
CA ALA B 310 20.42 6.25 8.68
C ALA B 310 21.75 6.31 7.92
N MET B 311 21.82 5.66 6.75
CA MET B 311 23.04 5.70 5.95
C MET B 311 23.35 7.11 5.49
N PHE B 312 22.34 7.82 4.99
CA PHE B 312 22.56 9.18 4.54
C PHE B 312 22.89 10.14 5.69
N HIS B 313 22.22 9.99 6.82
CA HIS B 313 22.55 10.78 8.01
C HIS B 313 23.99 10.54 8.48
N THR B 314 24.42 9.29 8.37
CA THR B 314 25.71 8.88 8.90
C THR B 314 26.87 9.22 7.95
N HIS B 315 26.69 9.02 6.66
CA HIS B 315 27.77 9.19 5.70
C HIS B 315 27.57 10.35 4.73
N GLY B 316 26.44 11.02 4.79
CA GLY B 316 26.19 12.15 3.89
C GLY B 316 25.52 11.76 2.59
N THR B 317 25.16 12.75 1.79
CA THR B 317 24.42 12.50 0.56
C THR B 317 25.28 12.40 -0.70
N ASP B 318 26.60 12.38 -0.53
CA ASP B 318 27.51 12.16 -1.66
C ASP B 318 28.12 10.76 -1.54
N LEU B 319 27.70 9.84 -2.40
CA LEU B 319 28.10 8.44 -2.25
C LEU B 319 29.57 8.22 -2.50
N SER B 320 30.17 9.04 -3.37
CA SER B 320 31.59 8.90 -3.67
C SER B 320 32.43 9.22 -2.44
N ALA B 321 31.88 9.98 -1.50
CA ALA B 321 32.58 10.28 -0.26
C ALA B 321 32.32 9.26 0.86
N TRP B 322 31.50 8.25 0.59
CA TRP B 322 31.25 7.22 1.60
C TRP B 322 32.53 6.45 1.81
N PRO B 323 32.74 5.91 3.02
CA PRO B 323 33.96 5.14 3.27
C PRO B 323 34.09 3.98 2.29
N ALA B 324 35.30 3.70 1.84
CA ALA B 324 35.54 2.65 0.85
C ALA B 324 34.99 1.29 1.29
N LYS B 325 35.17 0.94 2.56
CA LYS B 325 34.70 -0.33 3.09
C LYS B 325 33.18 -0.44 3.00
N VAL B 326 32.50 0.65 3.29
CA VAL B 326 31.04 0.71 3.20
C VAL B 326 30.59 0.56 1.76
N ARG B 327 31.23 1.31 0.85
CA ARG B 327 30.96 1.22 -0.58
C ARG B 327 31.19 -0.20 -1.08
N ASP B 328 32.24 -0.84 -0.60
CA ASP B 328 32.55 -2.20 -1.01
C ASP B 328 31.49 -3.17 -0.50
N ILE B 329 31.10 -3.01 0.77
CA ILE B 329 30.04 -3.83 1.36
C ILE B 329 28.75 -3.77 0.55
N LEU B 330 28.43 -2.58 0.05
CA LEU B 330 27.18 -2.36 -0.69
C LEU B 330 27.31 -2.57 -2.18
N GLY B 331 28.51 -2.88 -2.66
CA GLY B 331 28.73 -3.04 -4.08
C GLY B 331 28.65 -1.77 -4.93
N LEU B 332 29.06 -0.64 -4.35
CA LEU B 332 29.04 0.64 -5.06
C LEU B 332 30.33 0.86 -5.83
N HIS C 20 -15.09 -11.60 51.14
CA HIS C 20 -15.99 -11.30 50.03
C HIS C 20 -15.21 -10.87 48.79
N MET C 21 -14.24 -9.97 48.99
CA MET C 21 -13.31 -9.56 47.95
C MET C 21 -12.72 -10.76 47.22
N ASN C 22 -12.42 -11.82 47.97
CA ASN C 22 -11.93 -13.05 47.38
C ASN C 22 -12.94 -13.63 46.39
N ALA C 23 -14.20 -13.68 46.82
CA ALA C 23 -15.26 -14.25 45.98
C ALA C 23 -15.55 -13.42 44.73
N THR C 24 -15.56 -12.09 44.88
CA THR C 24 -15.77 -11.21 43.74
C THR C 24 -14.69 -11.49 42.70
N ILE C 25 -13.43 -11.33 43.12
CA ILE C 25 -12.26 -11.63 42.29
C ILE C 25 -12.38 -12.98 41.59
N ARG C 26 -12.88 -13.97 42.31
CA ARG C 26 -13.11 -15.30 41.73
C ARG C 26 -14.18 -15.27 40.63
N GLU C 27 -15.24 -14.48 40.84
CA GLU C 27 -16.31 -14.37 39.86
C GLU C 27 -15.82 -13.72 38.55
N ILE C 28 -15.06 -12.65 38.69
CA ILE C 28 -14.45 -11.96 37.55
C ILE C 28 -13.53 -12.89 36.78
N LEU C 29 -12.82 -13.75 37.49
CA LEU C 29 -11.91 -14.70 36.88
C LEU C 29 -12.66 -15.70 36.00
N ALA C 30 -13.96 -15.83 36.25
CA ALA C 30 -14.83 -16.62 35.38
C ALA C 30 -15.44 -15.72 34.30
N LYS C 31 -15.61 -14.44 34.66
CA LYS C 31 -16.12 -13.42 33.74
C LYS C 31 -15.12 -13.11 32.62
N PHE C 32 -13.84 -13.03 32.98
CA PHE C 32 -12.80 -12.66 32.02
C PHE C 32 -11.57 -13.56 32.10
N GLY C 33 -11.76 -14.86 32.29
CA GLY C 33 -10.64 -15.74 32.50
C GLY C 33 -10.30 -16.67 31.36
N GLN C 34 -11.33 -17.23 30.72
CA GLN C 34 -11.16 -18.24 29.67
C GLN C 34 -10.32 -19.42 30.16
N LEU C 35 -10.49 -19.77 31.43
CA LEU C 35 -9.78 -20.89 32.03
C LEU C 35 -10.49 -22.20 31.75
N PRO C 36 -9.74 -23.27 31.53
CA PRO C 36 -10.30 -24.59 31.20
C PRO C 36 -11.03 -25.25 32.38
N THR C 37 -10.43 -25.16 33.57
CA THR C 37 -11.03 -25.74 34.76
C THR C 37 -11.61 -24.64 35.64
N PRO C 38 -12.93 -24.72 35.94
CA PRO C 38 -13.73 -23.73 36.66
C PRO C 38 -13.02 -23.12 37.88
N VAL C 39 -13.33 -21.86 38.17
CA VAL C 39 -12.71 -21.13 39.28
C VAL C 39 -12.89 -21.85 40.60
N ASP C 40 -13.95 -22.66 40.70
CA ASP C 40 -14.19 -23.50 41.87
C ASP C 40 -13.02 -24.44 42.13
N THR C 41 -12.34 -24.85 41.06
CA THR C 41 -11.22 -25.78 41.15
C THR C 41 -9.86 -25.10 41.07
N ILE C 42 -9.74 -23.93 41.71
CA ILE C 42 -8.49 -23.17 41.69
C ILE C 42 -8.19 -22.58 43.07
N ALA C 43 -6.99 -22.84 43.58
CA ALA C 43 -6.58 -22.39 44.89
C ALA C 43 -6.18 -20.91 44.90
N ASP C 44 -6.29 -20.29 46.07
CA ASP C 44 -5.85 -18.91 46.26
C ASP C 44 -4.42 -18.65 45.80
N GLU C 45 -3.51 -19.54 46.23
CA GLU C 45 -2.08 -19.35 45.97
C GLU C 45 -1.60 -19.97 44.65
N ALA C 46 -2.47 -20.74 44.02
CA ALA C 46 -2.14 -21.41 42.76
C ALA C 46 -1.85 -20.43 41.61
N ASP C 47 -0.85 -20.75 40.80
CA ASP C 47 -0.43 -19.89 39.70
C ASP C 47 -1.37 -19.97 38.50
N LEU C 48 -1.95 -18.81 38.14
CA LEU C 48 -3.00 -18.74 37.13
C LEU C 48 -2.52 -19.02 35.70
N TYR C 49 -1.37 -18.49 35.34
CA TYR C 49 -0.79 -18.74 34.01
C TYR C 49 -0.35 -20.19 33.94
N ALA C 50 0.17 -20.69 35.06
CA ALA C 50 0.63 -22.07 35.15
C ALA C 50 -0.47 -23.08 34.80
N ALA C 51 -1.71 -22.60 34.71
CA ALA C 51 -2.81 -23.46 34.32
C ALA C 51 -3.98 -22.72 33.69
N GLY C 52 -3.74 -21.99 32.59
CA GLY C 52 -4.83 -21.48 31.80
C GLY C 52 -4.88 -20.00 31.44
N LEU C 53 -4.40 -19.14 32.32
CA LEU C 53 -4.52 -17.69 32.07
C LEU C 53 -3.57 -17.20 30.97
N SER C 54 -4.14 -16.79 29.85
CA SER C 54 -3.36 -16.29 28.73
C SER C 54 -3.01 -14.81 28.91
N SER C 55 -2.29 -14.27 27.93
CA SER C 55 -1.87 -12.87 27.97
C SER C 55 -3.05 -11.94 27.77
N PHE C 56 -3.74 -12.07 26.64
CA PHE C 56 -4.87 -11.21 26.32
C PHE C 56 -6.00 -11.40 27.34
N ALA C 57 -6.10 -12.61 27.85
CA ALA C 57 -7.08 -12.92 28.90
C ALA C 57 -6.76 -12.15 30.18
N SER C 58 -5.51 -12.23 30.62
CA SER C 58 -5.07 -11.58 31.86
C SER C 58 -5.26 -10.06 31.81
N VAL C 59 -5.35 -9.53 30.60
CA VAL C 59 -5.58 -8.11 30.39
C VAL C 59 -7.07 -7.78 30.54
N GLN C 60 -7.92 -8.66 30.01
CA GLN C 60 -9.36 -8.52 30.22
C GLN C 60 -9.67 -8.67 31.70
N LEU C 61 -9.03 -9.65 32.34
CA LEU C 61 -9.15 -9.88 33.77
C LEU C 61 -8.79 -8.63 34.59
N MET C 62 -7.68 -8.01 34.22
CA MET C 62 -7.24 -6.78 34.87
C MET C 62 -8.26 -5.67 34.67
N LEU C 63 -8.89 -5.66 33.49
CA LEU C 63 -9.97 -4.72 33.20
C LEU C 63 -11.22 -5.14 33.98
N GLY C 64 -11.42 -6.45 34.11
CA GLY C 64 -12.53 -7.00 34.85
C GLY C 64 -12.47 -6.69 36.33
N ILE C 65 -11.26 -6.74 36.89
CA ILE C 65 -11.02 -6.35 38.27
C ILE C 65 -11.34 -4.88 38.44
N GLU C 66 -11.03 -4.09 37.41
CA GLU C 66 -11.30 -2.66 37.44
C GLU C 66 -12.79 -2.35 37.18
N GLU C 67 -13.53 -3.32 36.65
CA GLU C 67 -14.98 -3.18 36.49
C GLU C 67 -15.76 -3.56 37.75
N ALA C 68 -15.45 -4.72 38.33
CA ALA C 68 -16.21 -5.23 39.48
C ALA C 68 -15.93 -4.48 40.79
N PHE C 69 -14.71 -3.97 40.93
CA PHE C 69 -14.45 -2.88 41.86
C PHE C 69 -14.33 -1.65 40.96
N ASP C 70 -14.06 -0.49 41.52
CA ASP C 70 -13.81 0.68 40.68
C ASP C 70 -12.43 1.25 40.98
N ILE C 71 -11.40 0.60 40.44
CA ILE C 71 -10.02 1.00 40.72
C ILE C 71 -9.16 1.12 39.45
N GLU C 72 -7.90 1.50 39.64
CA GLU C 72 -6.97 1.63 38.53
C GLU C 72 -5.52 1.44 39.00
N PHE C 73 -4.92 0.32 38.61
CA PHE C 73 -3.58 -0.05 39.07
C PHE C 73 -2.53 0.95 38.62
N PRO C 74 -1.46 1.12 39.42
CA PRO C 74 -0.30 1.87 38.93
C PRO C 74 0.42 1.03 37.88
N ASP C 75 1.18 1.67 37.00
CA ASP C 75 1.89 0.95 35.95
C ASP C 75 2.97 0.05 36.54
N ASN C 76 3.36 0.34 37.77
CA ASN C 76 4.30 -0.48 38.51
C ASN C 76 3.78 -1.91 38.71
N LEU C 77 2.46 -2.03 38.85
CA LEU C 77 1.84 -3.32 39.13
C LEU C 77 1.04 -3.82 37.94
N LEU C 78 1.20 -3.17 36.80
CA LEU C 78 0.52 -3.58 35.59
C LEU C 78 1.32 -4.66 34.86
N ASN C 79 1.36 -5.87 35.45
CA ASN C 79 2.23 -6.92 34.96
C ASN C 79 1.79 -8.35 35.30
N ARG C 80 2.58 -9.32 34.85
CA ARG C 80 2.30 -10.73 35.06
C ARG C 80 2.19 -11.08 36.56
N LYS C 81 3.14 -10.56 37.34
CA LYS C 81 3.21 -10.83 38.78
C LYS C 81 1.91 -10.55 39.52
N SER C 82 1.37 -9.34 39.37
CA SER C 82 0.13 -8.93 40.03
C SER C 82 -1.08 -9.84 39.76
N PHE C 83 -0.99 -10.66 38.72
CA PHE C 83 -2.12 -11.49 38.31
C PHE C 83 -1.75 -12.97 38.21
N ALA C 84 -0.68 -13.35 38.92
CA ALA C 84 -0.18 -14.72 38.89
C ALA C 84 -1.09 -15.66 39.66
N SER C 85 -1.69 -15.15 40.73
CA SER C 85 -2.59 -15.95 41.55
C SER C 85 -3.68 -15.07 42.11
N ILE C 86 -4.78 -15.71 42.52
CA ILE C 86 -5.90 -15.01 43.16
C ILE C 86 -5.40 -14.26 44.40
N LYS C 87 -4.52 -14.92 45.16
CA LYS C 87 -3.93 -14.32 46.36
C LYS C 87 -3.14 -13.05 46.01
N ALA C 88 -2.34 -13.12 44.96
CA ALA C 88 -1.56 -11.97 44.51
C ALA C 88 -2.48 -10.84 44.06
N ILE C 89 -3.56 -11.21 43.36
CA ILE C 89 -4.57 -10.26 42.95
C ILE C 89 -5.22 -9.60 44.16
N GLU C 90 -5.70 -10.42 45.09
CA GLU C 90 -6.35 -9.93 46.29
C GLU C 90 -5.40 -9.02 47.05
N ASP C 91 -4.16 -9.47 47.22
CA ASP C 91 -3.15 -8.68 47.91
C ASP C 91 -2.86 -7.35 47.21
N THR C 92 -2.79 -7.40 45.89
CA THR C 92 -2.50 -6.21 45.08
C THR C 92 -3.64 -5.20 45.18
N VAL C 93 -4.87 -5.68 45.07
CA VAL C 93 -6.06 -4.82 45.18
C VAL C 93 -6.11 -4.15 46.55
N LYS C 94 -5.82 -4.92 47.60
CA LYS C 94 -5.79 -4.40 48.96
C LYS C 94 -4.68 -3.35 49.11
N LEU C 95 -3.49 -3.70 48.64
CA LEU C 95 -2.34 -2.80 48.72
C LEU C 95 -2.60 -1.49 47.97
N ILE C 96 -3.59 -1.51 47.08
CA ILE C 96 -4.01 -0.31 46.36
C ILE C 96 -5.05 0.46 47.16
N ASN D 22 -33.59 27.79 -28.51
CA ASN D 22 -32.37 28.57 -28.35
C ASN D 22 -32.38 29.32 -27.02
N ALA D 23 -33.57 29.73 -26.58
CA ALA D 23 -33.72 30.45 -25.33
C ALA D 23 -33.34 29.57 -24.14
N THR D 24 -33.52 28.26 -24.32
CA THR D 24 -33.21 27.28 -23.27
C THR D 24 -31.72 26.93 -23.28
N ILE D 25 -31.08 27.12 -24.43
CA ILE D 25 -29.66 26.79 -24.58
C ILE D 25 -28.76 27.95 -24.17
N ARG D 26 -29.28 29.18 -24.28
CA ARG D 26 -28.53 30.39 -23.91
C ARG D 26 -28.39 30.54 -22.40
N GLU D 27 -29.00 29.62 -21.65
CA GLU D 27 -28.88 29.58 -20.20
C GLU D 27 -28.08 28.36 -19.75
N ILE D 28 -28.18 27.29 -20.52
CA ILE D 28 -27.47 26.05 -20.22
C ILE D 28 -25.96 26.22 -20.43
N LEU D 29 -25.58 26.81 -21.56
CA LEU D 29 -24.17 27.05 -21.89
C LEU D 29 -23.54 28.06 -20.93
N ALA D 30 -24.37 28.97 -20.40
CA ALA D 30 -23.89 29.97 -19.47
C ALA D 30 -23.69 29.38 -18.07
N LYS D 31 -24.45 28.33 -17.75
CA LYS D 31 -24.42 27.73 -16.42
C LYS D 31 -23.35 26.65 -16.26
N PHE D 32 -23.14 25.86 -17.31
CA PHE D 32 -22.22 24.71 -17.23
C PHE D 32 -21.07 24.78 -18.22
N GLY D 33 -21.22 25.60 -19.27
CA GLY D 33 -20.21 25.72 -20.31
C GLY D 33 -18.88 26.26 -19.81
N GLN D 34 -18.95 27.18 -18.85
CA GLN D 34 -17.77 27.79 -18.26
C GLN D 34 -16.83 28.42 -19.30
N LEU D 35 -17.41 29.21 -20.21
CA LEU D 35 -16.63 29.89 -21.22
C LEU D 35 -16.21 31.27 -20.73
N PRO D 36 -15.07 31.78 -21.23
CA PRO D 36 -14.60 33.11 -20.83
C PRO D 36 -15.33 34.22 -21.58
N LEU D 48 -18.00 26.33 -30.48
CA LEU D 48 -17.86 26.52 -29.03
C LEU D 48 -16.49 26.09 -28.53
N TYR D 49 -15.77 25.33 -29.34
CA TYR D 49 -14.46 24.84 -28.96
C TYR D 49 -13.37 25.90 -29.11
N ALA D 50 -13.62 26.87 -30.00
CA ALA D 50 -12.74 28.02 -30.14
C ALA D 50 -12.80 28.85 -28.87
N ALA D 51 -13.94 28.82 -28.20
CA ALA D 51 -14.11 29.42 -26.88
C ALA D 51 -13.59 28.44 -25.82
N GLY D 52 -13.87 28.74 -24.56
CA GLY D 52 -13.36 27.93 -23.46
C GLY D 52 -14.20 26.73 -23.08
N LEU D 53 -14.93 26.17 -24.06
CA LEU D 53 -15.73 24.98 -23.80
C LEU D 53 -14.83 23.74 -23.80
N SER D 54 -14.47 23.30 -22.60
CA SER D 54 -13.59 22.14 -22.44
C SER D 54 -14.36 20.83 -22.45
N SER D 55 -13.64 19.72 -22.29
CA SER D 55 -14.22 18.38 -22.36
C SER D 55 -15.15 18.08 -21.19
N PHE D 56 -14.68 18.40 -19.99
CA PHE D 56 -15.46 18.13 -18.79
C PHE D 56 -16.57 19.16 -18.63
N ALA D 57 -16.39 20.31 -19.29
CA ALA D 57 -17.45 21.31 -19.38
C ALA D 57 -18.53 20.82 -20.34
N SER D 58 -18.10 20.35 -21.51
CA SER D 58 -19.00 19.87 -22.55
C SER D 58 -19.88 18.70 -22.10
N VAL D 59 -19.37 17.88 -21.18
CA VAL D 59 -20.17 16.78 -20.66
C VAL D 59 -21.19 17.28 -19.64
N GLN D 60 -20.82 18.33 -18.90
CA GLN D 60 -21.76 19.00 -18.00
C GLN D 60 -22.75 19.84 -18.81
N LEU D 61 -22.40 20.07 -20.07
CA LEU D 61 -23.28 20.75 -21.02
C LEU D 61 -24.24 19.73 -21.62
N MET D 62 -23.74 18.53 -21.90
CA MET D 62 -24.57 17.43 -22.38
C MET D 62 -25.66 17.11 -21.36
N LEU D 63 -25.25 16.95 -20.11
CA LEU D 63 -26.16 16.63 -19.02
C LEU D 63 -27.22 17.72 -18.84
N GLY D 64 -26.84 18.96 -19.17
CA GLY D 64 -27.73 20.10 -19.02
C GLY D 64 -28.78 20.19 -20.10
N ILE D 65 -28.60 19.44 -21.18
CA ILE D 65 -29.59 19.34 -22.25
C ILE D 65 -30.56 18.18 -21.97
N GLU D 66 -30.12 17.27 -21.11
CA GLU D 66 -30.98 16.18 -20.66
C GLU D 66 -31.84 16.64 -19.49
N GLU D 67 -31.53 17.81 -18.95
CA GLU D 67 -32.25 18.35 -17.80
C GLU D 67 -33.29 19.36 -18.25
N ALA D 68 -32.88 20.32 -19.07
CA ALA D 68 -33.79 21.34 -19.59
C ALA D 68 -34.85 20.73 -20.51
N PHE D 69 -34.48 19.65 -21.19
CA PHE D 69 -35.41 18.91 -22.03
C PHE D 69 -35.57 17.49 -21.46
N ASP D 70 -36.49 16.71 -22.00
CA ASP D 70 -36.79 15.39 -21.43
C ASP D 70 -36.31 14.23 -22.29
N ILE D 71 -35.00 14.17 -22.53
CA ILE D 71 -34.42 13.09 -23.32
C ILE D 71 -32.93 12.91 -23.02
N GLU D 72 -32.47 11.66 -23.14
CA GLU D 72 -31.07 11.33 -22.97
C GLU D 72 -30.47 10.88 -24.31
N PHE D 73 -29.35 11.49 -24.69
CA PHE D 73 -28.68 11.21 -25.96
C PHE D 73 -28.44 9.71 -26.21
N PRO D 74 -28.45 9.30 -27.48
CA PRO D 74 -27.98 7.96 -27.85
C PRO D 74 -26.46 7.97 -27.87
N ASP D 75 -25.82 6.84 -27.61
CA ASP D 75 -24.37 6.76 -27.61
C ASP D 75 -23.78 7.19 -28.96
N ASN D 76 -24.61 7.13 -30.00
CA ASN D 76 -24.20 7.52 -31.34
C ASN D 76 -23.99 9.03 -31.48
N LEU D 77 -25.01 9.80 -31.14
CA LEU D 77 -24.94 11.26 -31.26
C LEU D 77 -24.36 11.89 -29.99
N LEU D 78 -23.72 11.06 -29.17
CA LEU D 78 -23.09 11.53 -27.94
C LEU D 78 -21.59 11.70 -28.16
N ASN D 79 -21.17 12.90 -28.55
CA ASN D 79 -19.79 13.13 -28.98
C ASN D 79 -19.40 14.60 -29.12
N ARG D 80 -18.16 14.81 -29.54
CA ARG D 80 -17.58 16.15 -29.70
C ARG D 80 -18.27 16.97 -30.78
N LYS D 81 -18.62 16.32 -31.88
CA LYS D 81 -19.21 16.99 -33.04
C LYS D 81 -20.63 17.49 -32.77
N SER D 82 -21.38 16.74 -31.96
CA SER D 82 -22.76 17.07 -31.63
C SER D 82 -22.88 18.33 -30.77
N PHE D 83 -21.75 18.85 -30.30
CA PHE D 83 -21.75 20.03 -29.43
C PHE D 83 -20.75 21.07 -29.90
N ALA D 84 -20.52 21.12 -31.21
CA ALA D 84 -19.54 22.03 -31.80
C ALA D 84 -19.93 23.51 -31.68
N SER D 85 -21.12 23.85 -32.17
CA SER D 85 -21.62 25.21 -32.08
C SER D 85 -23.00 25.26 -31.42
N ILE D 86 -23.57 26.46 -31.36
CA ILE D 86 -24.88 26.65 -30.76
C ILE D 86 -25.98 26.11 -31.66
N LYS D 87 -25.81 26.31 -32.98
CA LYS D 87 -26.77 25.82 -33.96
C LYS D 87 -26.61 24.31 -34.17
N ALA D 88 -25.48 23.78 -33.72
CA ALA D 88 -25.22 22.34 -33.81
C ALA D 88 -26.00 21.60 -32.72
N ILE D 89 -26.02 22.18 -31.53
CA ILE D 89 -26.76 21.61 -30.40
C ILE D 89 -28.26 21.55 -30.70
N GLU D 90 -28.79 22.65 -31.23
CA GLU D 90 -30.22 22.77 -31.50
C GLU D 90 -30.77 21.72 -32.47
N ASP D 91 -30.03 21.48 -33.56
CA ASP D 91 -30.46 20.53 -34.58
C ASP D 91 -30.55 19.10 -34.04
N THR D 92 -29.62 18.76 -33.15
CA THR D 92 -29.54 17.43 -32.57
C THR D 92 -30.75 17.15 -31.70
N VAL D 93 -31.26 18.22 -31.08
CA VAL D 93 -32.41 18.12 -30.17
C VAL D 93 -33.67 17.63 -30.90
N LYS D 94 -33.94 18.22 -32.06
CA LYS D 94 -35.09 17.82 -32.87
C LYS D 94 -34.98 16.36 -33.29
N LEU D 95 -33.75 15.90 -33.46
CA LEU D 95 -33.50 14.51 -33.84
C LEU D 95 -33.18 13.65 -32.62
ZN ZN E . 0.03 8.30 -16.60
PG ATP F . -9.26 -2.23 -17.84
O1G ATP F . -10.68 -2.07 -18.41
O2G ATP F . -8.44 -3.29 -18.58
O3G ATP F . -9.25 -2.62 -16.35
PB ATP F . -7.11 0.02 -18.45
O1B ATP F . -6.01 -0.76 -19.06
O2B ATP F . -7.99 1.07 -19.17
O3B ATP F . -8.26 -0.98 -18.00
PA ATP F . -5.27 2.21 -17.73
O1A ATP F . -5.94 3.11 -16.76
O2A ATP F . -5.20 2.46 -19.24
O3A ATP F . -6.18 0.88 -17.39
O5' ATP F . -3.69 2.21 -17.51
C5' ATP F . -3.23 1.30 -16.51
C4' ATP F . -2.21 0.33 -17.03
O4' ATP F . -1.85 -0.55 -15.95
C3' ATP F . -2.60 -0.55 -18.21
O3' ATP F . -1.69 -0.35 -19.29
C2' ATP F . -2.50 -2.00 -17.70
O2' ATP F . -1.42 -2.71 -18.28
C1' ATP F . -2.27 -1.87 -16.20
N9 ATP F . -3.44 -2.15 -15.39
C8 ATP F . -4.61 -1.45 -15.37
N7 ATP F . -5.57 -2.04 -14.69
C5 ATP F . -4.97 -3.20 -14.22
C6 ATP F . -5.47 -4.27 -13.47
N6 ATP F . -6.72 -4.33 -13.01
N1 ATP F . -4.63 -5.30 -13.20
C2 ATP F . -3.36 -5.23 -13.64
N3 ATP F . -2.78 -4.25 -14.35
C4 ATP F . -3.65 -3.27 -14.62
MG MG G . -5.00 0.08 -20.82
ZN ZN H . 7.10 -9.54 11.73
PG ATP I . 8.40 2.89 16.60
O1G ATP I . 8.39 3.11 18.09
O2G ATP I . 9.62 3.52 15.94
O3G ATP I . 7.14 3.46 15.92
PB ATP I . 8.42 -0.26 16.05
O1B ATP I . 9.75 -0.90 16.20
O2B ATP I . 7.22 -0.40 17.02
O3B ATP I . 8.49 1.34 16.12
PA ATP I . 8.11 -2.74 14.50
O1A ATP I . 6.68 -3.10 14.43
O2A ATP I . 9.11 -3.36 15.46
O3A ATP I . 7.93 -1.12 14.72
O5' ATP I . 8.88 -3.20 13.20
C5' ATP I . 8.82 -2.20 12.18
C4' ATP I . 10.19 -1.75 11.73
O4' ATP I . 10.00 -0.94 10.56
C3' ATP I . 10.99 -0.93 12.74
O3' ATP I . 12.10 -1.68 13.21
C2' ATP I . 11.50 0.26 11.91
O2' ATP I . 12.80 0.05 11.37
C1' ATP I . 10.49 0.35 10.77
N9 ATP I . 9.37 1.26 11.01
C8 ATP I . 8.36 1.14 11.94
N7 ATP I . 7.55 2.17 11.99
C5 ATP I . 8.06 3.03 11.03
C6 ATP I . 7.67 4.32 10.62
N6 ATP I . 6.64 4.98 11.13
N1 ATP I . 8.40 4.90 9.64
C2 ATP I . 9.42 4.22 9.10
N3 ATP I . 9.87 3.00 9.40
C4 ATP I . 9.16 2.46 10.39
O23 PNS J . 2.95 -12.76 27.73
P24 PNS J . 1.68 -12.06 27.20
O25 PNS J . 1.40 -10.72 27.91
O27 PNS J . 1.85 -11.76 25.64
C28 PNS J . 2.23 -12.73 24.64
C29 PNS J . 1.83 -12.14 23.26
C30 PNS J . 2.67 -12.84 22.18
C31 PNS J . 0.35 -12.38 22.99
C32 PNS J . 2.12 -10.61 23.21
O33 PNS J . 3.43 -10.30 23.63
C34 PNS J . 1.90 -10.02 21.80
O35 PNS J . 0.76 -9.74 21.43
N36 PNS J . 2.97 -9.84 21.03
C37 PNS J . 2.88 -9.53 19.61
C38 PNS J . 2.33 -8.14 19.34
C39 PNS J . 2.29 -7.84 17.87
O40 PNS J . 1.36 -8.23 17.15
N41 PNS J . 3.34 -7.17 17.39
C42 PNS J . 3.65 -7.12 15.97
C43 PNS J . 5.01 -7.83 15.77
S44 PNS J . 4.80 -8.86 14.30
O23 PNS K . -11.63 15.99 -25.72
P24 PNS K . -12.26 15.85 -24.31
O25 PNS K . -13.52 14.97 -24.31
O27 PNS K . -11.17 15.21 -23.35
C28 PNS K . -9.76 15.42 -23.47
C29 PNS K . -9.16 15.18 -22.08
C30 PNS K . -7.64 15.07 -22.22
C31 PNS K . -9.50 16.36 -21.15
C32 PNS K . -9.71 13.87 -21.45
O33 PNS K . -9.69 12.78 -22.36
C34 PNS K . -8.93 13.43 -20.19
O35 PNS K . -9.14 13.98 -19.11
N36 PNS K . -8.05 12.44 -20.35
C37 PNS K . -7.29 11.88 -19.24
C38 PNS K . -8.04 10.76 -18.57
C39 PNS K . -7.23 10.09 -17.49
O40 PNS K . -6.87 10.70 -16.49
N41 PNS K . -6.91 8.82 -17.71
C42 PNS K . -5.96 8.08 -16.89
C43 PNS K . -4.96 7.35 -17.80
S44 PNS K . -3.45 8.35 -17.84
#